data_4OSR
#
_entry.id   4OSR
#
_cell.length_a   81.052
_cell.length_b   87.370
_cell.length_c   88.101
_cell.angle_alpha   90.00
_cell.angle_beta   102.94
_cell.angle_gamma   90.00
#
_symmetry.space_group_name_H-M   'P 1 21 1'
#
loop_
_entity.id
_entity.type
_entity.pdbx_description
1 polymer Hax3
2 polymer "DNA (5'-D(*TP*GP*TP*CP*CP*CP*TP*TP*TP*GP*TP*CP*TP*CP*TP*CP*T)-3')"
3 polymer "DNA (5'-D(*AP*GP*AP*GP*AP*GP*AP*TP*AP*AP*AP*GP*GP*GP*AP*CP*A)-3')"
4 water water
#
loop_
_entity_poly.entity_id
_entity_poly.type
_entity_poly.pdbx_seq_one_letter_code
_entity_poly.pdbx_strand_id
1 'polypeptide(L)'
;MQWSGARALEALLTVAGELRGPPLQLDTGQLLKIAKRGGVTAVEAVHAWRNALTGAPLNLTPEQVVAIASHDGGKQALET
VQRLLPVLCQAHGLTPQQVVAIASHDGGKQALETVQRLLPVLCQAHGLTPEQVVAIASHDGGKQALETVQALLPVLCQAH
GLTPEQVVAIASNGGGKQALETVQRLLPVLCQAHGLTPQQVVAIASNGGGKQALETVQRLLPVLCQAHGLTPQQVVAIAS
NGGGKQALETVQRLLPVLCQAHGLTPQQVVAIASNKGGKQALETVQRLLPVLCQAHGLTPQQVVAIASNGGGKQALETVQ
RLLPVLCQAHGLTPQQVVAIASHDGGKQALETVQRLLPVLCQAHGLTPEQVVAIASNGGGKQALETVQRLLPVLCQAHGL
TPEQVVAIASHDGGKQALETVQRLLPVLCQAHGLTPQQVVAIASNGGGRPALESIVAQLSRPDPALAALTNDHLVALACL
GGRPALDAVKKLEHHHHHH
;
A,B
2 'polydeoxyribonucleotide' (DT)(DG)(DT)(DC)(DC)(DC)(DT)(DT)(DT)(DG)(DT)(DC)(DT)(DC)(DT)(DC)(DT) G,I
3 'polydeoxyribonucleotide' (DA)(DG)(DA)(DG)(DA)(DG)(DA)(DT)(DA)(DA)(DA)(DG)(DG)(DG)(DA)(DC)(DA) H,J
#
# COMPACT_ATOMS: atom_id res chain seq x y z
N GLN A 2 48.28 1.91 -45.40
CA GLN A 2 48.26 1.77 -43.95
C GLN A 2 46.85 1.70 -43.36
N TRP A 3 46.68 0.83 -42.37
CA TRP A 3 45.44 0.77 -41.59
C TRP A 3 45.02 2.16 -41.13
N SER A 4 43.82 2.57 -41.55
CA SER A 4 43.35 3.94 -41.35
C SER A 4 43.16 4.33 -39.88
N GLY A 5 42.93 3.35 -39.00
CA GLY A 5 42.69 3.62 -37.60
C GLY A 5 43.92 4.05 -36.80
N ALA A 6 45.07 4.08 -37.45
CA ALA A 6 46.34 4.31 -36.76
C ALA A 6 46.50 5.71 -36.14
N ARG A 7 46.22 6.74 -36.94
CA ARG A 7 46.34 8.12 -36.47
C ARG A 7 45.45 8.39 -35.26
N ALA A 8 44.23 7.87 -35.28
CA ALA A 8 43.31 8.06 -34.15
C ALA A 8 43.73 7.27 -32.91
N LEU A 9 44.27 6.06 -33.13
CA LEU A 9 44.78 5.26 -32.01
C LEU A 9 45.93 6.00 -31.33
N GLU A 10 46.82 6.56 -32.13
CA GLU A 10 47.95 7.32 -31.62
C GLU A 10 47.46 8.55 -30.85
N ALA A 11 46.48 9.24 -31.41
CA ALA A 11 45.87 10.40 -30.75
C ALA A 11 45.31 9.96 -29.40
N LEU A 12 44.56 8.87 -29.43
CA LEU A 12 43.96 8.28 -28.25
C LEU A 12 45.00 8.03 -27.16
N LEU A 13 46.14 7.45 -27.56
CA LEU A 13 47.16 7.09 -26.59
C LEU A 13 47.93 8.29 -26.04
N THR A 14 48.15 9.30 -26.88
CA THR A 14 48.79 10.55 -26.41
C THR A 14 47.93 11.23 -25.34
N VAL A 15 46.67 11.46 -25.68
CA VAL A 15 45.73 12.08 -24.74
C VAL A 15 45.56 11.23 -23.49
N ALA A 16 45.47 9.91 -23.67
CA ALA A 16 45.27 9.01 -22.54
C ALA A 16 46.42 9.12 -21.52
N GLY A 17 47.65 8.98 -21.98
CA GLY A 17 48.80 9.10 -21.11
C GLY A 17 48.81 10.40 -20.31
N GLU A 18 48.28 11.47 -20.90
CA GLU A 18 48.21 12.77 -20.22
C GLU A 18 47.21 12.73 -19.06
N LEU A 19 46.08 12.06 -19.26
CA LEU A 19 45.01 12.00 -18.27
C LEU A 19 45.43 11.25 -17.00
N ARG A 20 46.53 10.51 -17.10
CA ARG A 20 47.11 9.82 -15.94
C ARG A 20 47.67 10.84 -14.96
N GLY A 21 47.89 12.06 -15.43
CA GLY A 21 48.36 13.13 -14.58
C GLY A 21 47.22 13.80 -13.83
N PRO A 22 47.52 14.85 -13.07
CA PRO A 22 46.50 15.63 -12.37
C PRO A 22 45.61 16.36 -13.37
N PRO A 23 44.36 16.66 -12.99
CA PRO A 23 43.77 16.40 -11.67
C PRO A 23 42.91 15.14 -11.60
N LEU A 24 42.98 14.27 -12.60
CA LEU A 24 42.14 13.06 -12.63
C LEU A 24 42.92 11.79 -12.31
N GLN A 25 44.15 11.72 -12.80
CA GLN A 25 45.02 10.55 -12.61
C GLN A 25 44.30 9.21 -12.87
N LEU A 26 43.88 8.99 -14.11
CA LEU A 26 43.13 7.79 -14.46
C LEU A 26 44.07 6.59 -14.61
N ASP A 27 43.54 5.38 -14.48
CA ASP A 27 44.33 4.17 -14.65
C ASP A 27 43.98 3.51 -15.97
N THR A 28 44.80 2.55 -16.39
CA THR A 28 44.58 1.85 -17.66
C THR A 28 43.13 1.37 -17.76
N GLY A 29 42.61 0.82 -16.67
CA GLY A 29 41.25 0.32 -16.63
C GLY A 29 40.25 1.39 -17.02
N GLN A 30 40.28 2.51 -16.32
CA GLN A 30 39.37 3.62 -16.61
C GLN A 30 39.57 4.16 -18.01
N LEU A 31 40.82 4.25 -18.46
CA LEU A 31 41.12 4.83 -19.78
C LEU A 31 40.57 3.94 -20.89
N LEU A 32 40.76 2.64 -20.72
CA LEU A 32 40.26 1.66 -21.67
C LEU A 32 38.74 1.73 -21.74
N LYS A 33 38.11 1.78 -20.57
CA LYS A 33 36.66 1.86 -20.45
C LYS A 33 36.09 3.05 -21.25
N ILE A 34 36.64 4.24 -21.03
CA ILE A 34 36.21 5.40 -21.79
C ILE A 34 36.47 5.22 -23.28
N ALA A 35 37.65 4.70 -23.63
CA ALA A 35 37.99 4.54 -25.04
C ALA A 35 37.03 3.57 -25.70
N LYS A 36 36.63 2.55 -24.95
CA LYS A 36 35.83 1.45 -25.50
C LYS A 36 34.39 1.83 -25.81
N ARG A 37 33.81 2.73 -25.01
CA ARG A 37 32.40 3.07 -25.23
C ARG A 37 32.24 4.51 -25.70
N GLY A 38 32.90 5.44 -25.00
CA GLY A 38 32.91 6.83 -25.44
C GLY A 38 33.80 7.12 -26.64
N GLY A 39 34.81 6.27 -26.88
CA GLY A 39 35.67 6.48 -28.02
C GLY A 39 36.71 7.58 -27.84
N VAL A 40 37.45 7.88 -28.91
N VAL A 40 37.39 7.93 -28.93
CA VAL A 40 38.53 8.87 -28.85
CA VAL A 40 38.46 8.92 -28.89
C VAL A 40 37.98 10.25 -28.49
C VAL A 40 37.94 10.32 -28.56
N THR A 41 36.82 10.55 -29.06
N THR A 41 36.73 10.65 -29.02
CA THR A 41 36.11 11.81 -28.83
CA THR A 41 36.14 11.96 -28.74
C THR A 41 35.84 12.07 -27.34
C THR A 41 35.87 12.11 -27.25
N ALA A 42 35.49 11.02 -26.61
CA ALA A 42 35.21 11.09 -25.17
C ALA A 42 36.51 11.30 -24.39
N VAL A 43 37.55 10.58 -24.78
CA VAL A 43 38.85 10.71 -24.12
C VAL A 43 39.39 12.13 -24.26
N GLU A 44 39.21 12.72 -25.44
CA GLU A 44 39.65 14.11 -25.70
C GLU A 44 38.79 15.12 -24.96
N ALA A 45 37.49 14.83 -24.86
CA ALA A 45 36.58 15.71 -24.13
C ALA A 45 36.92 15.71 -22.65
N VAL A 46 37.20 14.53 -22.08
CA VAL A 46 37.60 14.45 -20.68
C VAL A 46 38.82 15.35 -20.42
N HIS A 47 39.82 15.25 -21.30
CA HIS A 47 41.03 16.05 -21.15
C HIS A 47 40.70 17.53 -21.23
N ALA A 48 40.08 17.94 -22.34
CA ALA A 48 39.72 19.34 -22.53
C ALA A 48 38.90 19.95 -21.38
N TRP A 49 38.12 19.13 -20.69
N TRP A 49 38.05 19.13 -20.74
CA TRP A 49 37.26 19.65 -19.64
CA TRP A 49 37.17 19.55 -19.65
C TRP A 49 37.65 19.09 -18.28
C TRP A 49 37.68 19.16 -18.26
N ARG A 50 38.90 18.65 -18.17
CA ARG A 50 39.39 18.05 -16.91
C ARG A 50 39.38 19.02 -15.72
N ASN A 51 39.76 20.27 -15.96
CA ASN A 51 39.83 21.25 -14.88
C ASN A 51 38.45 21.77 -14.48
N ALA A 52 37.58 21.95 -15.47
CA ALA A 52 36.24 22.50 -15.24
C ALA A 52 35.31 21.55 -14.48
N LEU A 53 35.59 20.26 -14.53
CA LEU A 53 34.72 19.26 -13.90
C LEU A 53 35.21 18.91 -12.50
N THR A 54 36.52 19.01 -12.31
CA THR A 54 37.20 18.45 -11.14
C THR A 54 36.76 19.04 -9.81
N GLY A 55 37.01 20.32 -9.62
CA GLY A 55 36.73 20.95 -8.34
C GLY A 55 35.55 21.89 -8.45
N ALA A 56 35.44 22.80 -7.48
CA ALA A 56 34.45 23.85 -7.54
C ALA A 56 34.57 24.56 -8.89
N PRO A 57 33.43 24.87 -9.53
CA PRO A 57 32.02 24.70 -9.15
C PRO A 57 31.51 23.27 -8.93
N LEU A 58 31.59 22.42 -9.95
CA LEU A 58 30.90 21.13 -9.95
C LEU A 58 31.41 20.14 -8.90
N ASN A 59 32.73 20.13 -8.70
CA ASN A 59 33.37 19.21 -7.76
C ASN A 59 33.01 17.73 -7.95
N LEU A 60 33.18 17.24 -9.17
CA LEU A 60 32.96 15.84 -9.49
C LEU A 60 34.22 15.03 -9.25
N THR A 61 34.06 13.83 -8.69
CA THR A 61 35.16 12.89 -8.57
C THR A 61 35.56 12.38 -9.96
N PRO A 62 36.78 11.83 -10.09
CA PRO A 62 37.18 11.24 -11.37
C PRO A 62 36.28 10.08 -11.76
N GLU A 63 35.87 9.25 -10.79
CA GLU A 63 34.93 8.16 -11.04
C GLU A 63 33.67 8.68 -11.71
N GLN A 64 33.15 9.80 -11.21
CA GLN A 64 31.97 10.40 -11.80
C GLN A 64 32.24 10.91 -13.22
N VAL A 65 33.41 11.49 -13.44
CA VAL A 65 33.79 11.95 -14.77
C VAL A 65 33.89 10.77 -15.73
N VAL A 66 34.50 9.69 -15.24
CA VAL A 66 34.61 8.45 -16.02
C VAL A 66 33.25 7.83 -16.31
N ALA A 67 32.36 7.84 -15.32
CA ALA A 67 31.02 7.27 -15.50
C ALA A 67 30.23 8.03 -16.56
N ILE A 68 30.39 9.36 -16.59
CA ILE A 68 29.74 10.18 -17.63
C ILE A 68 30.39 10.00 -19.01
N ALA A 69 31.72 10.00 -19.06
CA ALA A 69 32.42 9.89 -20.33
C ALA A 69 32.25 8.55 -21.05
N SER A 70 32.08 7.47 -20.29
CA SER A 70 32.18 6.12 -20.85
C SER A 70 30.90 5.58 -21.52
N HIS A 71 30.27 6.39 -22.38
CA HIS A 71 29.06 5.96 -23.10
C HIS A 71 29.08 6.60 -24.48
N ASP A 72 28.24 6.10 -25.40
CA ASP A 72 28.13 6.71 -26.72
C ASP A 72 27.67 8.15 -26.50
N GLY A 73 28.30 9.11 -27.16
CA GLY A 73 27.95 10.50 -26.95
C GLY A 73 28.56 11.07 -25.68
N GLY A 74 29.49 10.33 -25.08
CA GLY A 74 30.13 10.78 -23.84
C GLY A 74 30.62 12.22 -23.86
N LYS A 75 31.22 12.63 -24.97
CA LYS A 75 31.61 14.03 -25.15
C LYS A 75 30.43 14.98 -24.99
N GLN A 76 29.29 14.63 -25.58
CA GLN A 76 28.11 15.48 -25.47
C GLN A 76 27.57 15.52 -24.04
N ALA A 77 27.63 14.39 -23.35
CA ALA A 77 27.14 14.35 -21.98
C ALA A 77 27.99 15.20 -21.03
N LEU A 78 29.31 15.21 -21.24
CA LEU A 78 30.23 15.99 -20.40
C LEU A 78 29.95 17.48 -20.53
N GLU A 79 29.77 17.93 -21.77
CA GLU A 79 29.43 19.33 -22.04
C GLU A 79 28.12 19.70 -21.36
N THR A 80 27.15 18.82 -21.44
CA THR A 80 25.81 19.07 -20.91
C THR A 80 25.77 19.07 -19.38
N VAL A 81 26.55 18.17 -18.78
CA VAL A 81 26.59 18.09 -17.34
C VAL A 81 27.16 19.37 -16.72
N GLN A 82 28.22 19.93 -17.30
CA GLN A 82 28.76 21.16 -16.72
C GLN A 82 27.78 22.33 -16.92
N ARG A 83 26.95 22.25 -17.96
CA ARG A 83 25.94 23.26 -18.22
C ARG A 83 24.67 23.09 -17.35
N LEU A 84 24.17 21.86 -17.25
CA LEU A 84 22.86 21.64 -16.64
C LEU A 84 22.90 21.18 -15.19
N LEU A 85 24.02 20.66 -14.71
CA LEU A 85 24.06 20.22 -13.30
C LEU A 85 23.62 21.31 -12.30
N PRO A 86 24.16 22.54 -12.44
CA PRO A 86 23.70 23.54 -11.46
C PRO A 86 22.23 23.91 -11.65
N VAL A 87 21.79 24.01 -12.89
CA VAL A 87 20.38 24.23 -13.19
C VAL A 87 19.48 23.18 -12.52
N LEU A 88 19.77 21.90 -12.76
CA LEU A 88 18.96 20.81 -12.23
C LEU A 88 18.98 20.74 -10.69
N CYS A 89 20.13 21.04 -10.10
CA CYS A 89 20.27 21.00 -8.65
C CYS A 89 19.58 22.19 -7.99
N GLN A 90 19.75 23.37 -8.57
CA GLN A 90 19.20 24.58 -7.94
C GLN A 90 17.80 24.97 -8.43
N ALA A 91 17.43 24.58 -9.65
CA ALA A 91 16.10 24.92 -10.14
C ALA A 91 15.06 23.81 -9.98
N HIS A 92 15.49 22.55 -9.89
CA HIS A 92 14.54 21.44 -9.70
C HIS A 92 14.77 20.66 -8.40
N GLY A 93 15.86 20.98 -7.71
CA GLY A 93 16.13 20.35 -6.43
C GLY A 93 16.67 18.93 -6.53
N LEU A 94 17.37 18.63 -7.62
CA LEU A 94 18.03 17.33 -7.76
C LEU A 94 19.39 17.40 -7.07
N THR A 95 19.95 16.25 -6.72
CA THR A 95 21.29 16.18 -6.15
C THR A 95 22.32 15.96 -7.28
N PRO A 96 23.59 16.32 -7.05
CA PRO A 96 24.58 16.07 -8.09
C PRO A 96 24.61 14.60 -8.46
N GLN A 97 24.45 13.72 -7.48
CA GLN A 97 24.45 12.27 -7.72
C GLN A 97 23.32 11.88 -8.68
N GLN A 98 22.18 12.55 -8.59
CA GLN A 98 21.07 12.24 -9.48
C GLN A 98 21.37 12.72 -10.88
N VAL A 99 21.95 13.90 -11.00
CA VAL A 99 22.35 14.43 -12.30
C VAL A 99 23.37 13.50 -12.97
N VAL A 100 24.36 13.05 -12.21
CA VAL A 100 25.39 12.15 -12.75
C VAL A 100 24.76 10.83 -13.19
N ALA A 101 23.79 10.33 -12.42
CA ALA A 101 23.07 9.12 -12.80
C ALA A 101 22.35 9.28 -14.14
N ILE A 102 21.70 10.42 -14.33
CA ILE A 102 20.98 10.68 -15.57
C ILE A 102 21.98 10.74 -16.73
N ALA A 103 23.15 11.32 -16.46
CA ALA A 103 24.17 11.56 -17.49
C ALA A 103 24.87 10.28 -17.94
N SER A 104 24.94 9.28 -17.07
CA SER A 104 25.82 8.14 -17.29
C SER A 104 25.18 7.03 -18.13
N HIS A 105 24.67 7.38 -19.32
CA HIS A 105 24.08 6.40 -20.24
C HIS A 105 24.30 6.94 -21.64
N ASP A 106 24.19 6.08 -22.67
CA ASP A 106 24.30 6.59 -24.03
C ASP A 106 23.25 7.70 -24.23
N GLY A 107 23.60 8.75 -24.97
CA GLY A 107 22.65 9.82 -25.23
C GLY A 107 22.34 10.63 -23.99
N GLY A 108 23.27 10.64 -23.03
CA GLY A 108 23.03 11.28 -21.73
C GLY A 108 22.66 12.75 -21.84
N LYS A 109 23.20 13.43 -22.86
CA LYS A 109 22.82 14.79 -23.17
C LYS A 109 21.32 14.92 -23.40
N GLN A 110 20.76 13.99 -24.18
CA GLN A 110 19.34 14.05 -24.50
C GLN A 110 18.48 13.88 -23.26
N ALA A 111 18.91 12.95 -22.39
CA ALA A 111 18.21 12.67 -21.14
C ALA A 111 18.22 13.90 -20.21
N LEU A 112 19.39 14.50 -20.05
CA LEU A 112 19.56 15.66 -19.19
C LEU A 112 18.69 16.82 -19.66
N GLU A 113 18.73 17.11 -20.95
CA GLU A 113 17.95 18.21 -21.51
C GLU A 113 16.46 17.97 -21.45
N THR A 114 16.05 16.70 -21.53
CA THR A 114 14.63 16.37 -21.47
C THR A 114 14.11 16.43 -20.05
N VAL A 115 14.95 16.05 -19.09
CA VAL A 115 14.60 16.20 -17.67
C VAL A 115 14.43 17.67 -17.36
N GLN A 116 15.35 18.47 -17.87
CA GLN A 116 15.28 19.91 -17.65
C GLN A 116 14.00 20.47 -18.26
N ARG A 117 13.63 19.94 -19.41
CA ARG A 117 12.45 20.44 -20.11
C ARG A 117 11.13 19.92 -19.54
N LEU A 118 11.10 18.65 -19.13
CA LEU A 118 9.82 18.02 -18.82
C LEU A 118 9.56 17.74 -17.34
N LEU A 119 10.59 17.81 -16.50
CA LEU A 119 10.38 17.55 -15.07
C LEU A 119 9.20 18.37 -14.48
N PRO A 120 9.11 19.67 -14.82
CA PRO A 120 7.99 20.39 -14.18
C PRO A 120 6.62 19.90 -14.62
N VAL A 121 6.41 19.64 -15.91
CA VAL A 121 5.10 19.21 -16.40
C VAL A 121 4.75 17.82 -15.90
N LEU A 122 5.78 16.97 -15.74
CA LEU A 122 5.58 15.60 -15.25
C LEU A 122 5.23 15.58 -13.77
N CYS A 123 5.83 16.50 -13.02
CA CYS A 123 5.53 16.59 -11.59
C CYS A 123 4.20 17.33 -11.29
N GLN A 124 4.02 18.48 -11.94
CA GLN A 124 2.83 19.32 -11.73
C GLN A 124 1.57 18.76 -12.37
N ALA A 125 1.65 18.53 -13.68
CA ALA A 125 0.47 18.14 -14.46
C ALA A 125 0.18 16.64 -14.43
N HIS A 126 1.19 15.81 -14.19
CA HIS A 126 1.02 14.35 -14.22
C HIS A 126 1.23 13.69 -12.86
N GLY A 127 1.61 14.48 -11.85
CA GLY A 127 1.69 13.97 -10.49
C GLY A 127 2.87 13.10 -10.10
N LEU A 128 3.91 13.05 -10.93
CA LEU A 128 5.09 12.26 -10.59
C LEU A 128 6.00 13.01 -9.62
N THR A 129 6.80 12.29 -8.86
CA THR A 129 7.83 12.90 -8.02
C THR A 129 9.13 13.06 -8.83
N PRO A 130 10.03 13.95 -8.39
CA PRO A 130 11.32 14.10 -9.06
C PRO A 130 12.11 12.79 -9.04
N GLU A 131 12.01 12.02 -7.96
CA GLU A 131 12.65 10.71 -7.89
C GLU A 131 12.21 9.80 -9.03
N GLN A 132 10.91 9.81 -9.32
CA GLN A 132 10.36 8.99 -10.40
C GLN A 132 10.82 9.50 -11.76
N VAL A 133 10.88 10.82 -11.93
CA VAL A 133 11.38 11.41 -13.17
C VAL A 133 12.85 11.02 -13.42
N VAL A 134 13.66 11.04 -12.35
CA VAL A 134 15.07 10.67 -12.42
C VAL A 134 15.22 9.19 -12.80
N ALA A 135 14.43 8.33 -12.20
CA ALA A 135 14.50 6.90 -12.50
C ALA A 135 14.16 6.65 -13.97
N ILE A 136 13.10 7.29 -14.47
CA ILE A 136 12.75 7.18 -15.88
C ILE A 136 13.88 7.68 -16.77
N ALA A 137 14.51 8.79 -16.39
CA ALA A 137 15.58 9.40 -17.20
C ALA A 137 16.86 8.58 -17.22
N SER A 138 17.08 7.79 -16.17
CA SER A 138 18.40 7.19 -15.94
C SER A 138 18.61 5.85 -16.66
N HIS A 139 18.34 5.83 -17.98
CA HIS A 139 18.56 4.63 -18.82
C HIS A 139 18.81 5.14 -20.24
N ASP A 140 19.45 4.34 -21.10
CA ASP A 140 19.62 4.73 -22.50
C ASP A 140 18.22 5.00 -23.04
N GLY A 141 18.08 6.02 -23.89
CA GLY A 141 16.77 6.34 -24.43
C GLY A 141 15.91 7.08 -23.43
N GLY A 142 16.51 7.48 -22.31
CA GLY A 142 15.80 8.24 -21.28
C GLY A 142 14.90 9.35 -21.85
N LYS A 143 15.41 10.10 -22.83
CA LYS A 143 14.58 11.12 -23.46
C LYS A 143 13.29 10.54 -24.06
N GLN A 144 13.40 9.40 -24.75
CA GLN A 144 12.22 8.78 -25.36
C GLN A 144 11.23 8.32 -24.31
N ALA A 145 11.76 7.73 -23.24
CA ALA A 145 10.89 7.19 -22.18
C ALA A 145 10.13 8.33 -21.50
N LEU A 146 10.84 9.41 -21.19
CA LEU A 146 10.24 10.58 -20.55
C LEU A 146 9.15 11.16 -21.43
N GLU A 147 9.42 11.34 -22.72
CA GLU A 147 8.42 11.88 -23.62
C GLU A 147 7.23 10.93 -23.79
N THR A 148 7.49 9.63 -23.70
CA THR A 148 6.42 8.66 -23.90
C THR A 148 5.54 8.57 -22.65
N VAL A 149 6.17 8.74 -21.48
CA VAL A 149 5.44 8.81 -20.21
C VAL A 149 4.52 10.04 -20.21
N GLN A 150 5.07 11.19 -20.61
CA GLN A 150 4.24 12.39 -20.74
C GLN A 150 3.04 12.14 -21.66
N ALA A 151 3.28 11.50 -22.79
CA ALA A 151 2.20 11.25 -23.76
C ALA A 151 1.19 10.17 -23.32
N LEU A 152 1.68 9.09 -22.72
CA LEU A 152 0.84 7.92 -22.49
C LEU A 152 0.35 7.70 -21.05
N LEU A 153 0.90 8.42 -20.09
CA LEU A 153 0.48 8.25 -18.69
C LEU A 153 -1.06 8.26 -18.49
N PRO A 154 -1.77 9.25 -19.08
CA PRO A 154 -3.24 9.26 -18.93
C PRO A 154 -3.92 8.03 -19.53
N VAL A 155 -3.65 7.75 -20.80
CA VAL A 155 -4.32 6.60 -21.44
C VAL A 155 -3.99 5.28 -20.75
N LEU A 156 -2.77 5.15 -20.20
CA LEU A 156 -2.38 3.91 -19.55
C LEU A 156 -3.08 3.72 -18.21
N CYS A 157 -3.27 4.82 -17.48
CA CYS A 157 -3.96 4.74 -16.19
C CYS A 157 -5.47 4.69 -16.39
N GLN A 158 -5.98 5.54 -17.27
CA GLN A 158 -7.44 5.63 -17.44
C GLN A 158 -8.03 4.53 -18.31
N ALA A 159 -7.52 4.40 -19.53
CA ALA A 159 -8.09 3.40 -20.44
C ALA A 159 -7.64 1.98 -20.11
N HIS A 160 -6.49 1.83 -19.48
CA HIS A 160 -5.97 0.48 -19.26
C HIS A 160 -5.80 0.08 -17.79
N GLY A 161 -6.09 0.99 -16.88
CA GLY A 161 -6.12 0.65 -15.45
C GLY A 161 -4.79 0.57 -14.71
N LEU A 162 -3.70 0.98 -15.35
CA LEU A 162 -2.38 0.89 -14.67
C LEU A 162 -2.25 1.99 -13.58
N THR A 163 -1.47 1.73 -12.54
CA THR A 163 -1.17 2.80 -11.57
C THR A 163 -0.04 3.64 -12.14
N PRO A 164 0.12 4.89 -11.68
CA PRO A 164 1.31 5.62 -12.14
C PRO A 164 2.58 4.87 -11.76
N GLU A 165 2.59 4.18 -10.61
CA GLU A 165 3.78 3.41 -10.21
C GLU A 165 4.10 2.35 -11.25
N GLN A 166 3.06 1.71 -11.78
CA GLN A 166 3.27 0.68 -12.78
C GLN A 166 3.82 1.28 -14.06
N VAL A 167 3.27 2.42 -14.48
CA VAL A 167 3.76 3.11 -15.66
C VAL A 167 5.22 3.51 -15.46
N VAL A 168 5.55 4.02 -14.27
CA VAL A 168 6.93 4.40 -14.00
C VAL A 168 7.85 3.19 -14.06
N ALA A 169 7.41 2.06 -13.50
CA ALA A 169 8.23 0.84 -13.49
C ALA A 169 8.51 0.35 -14.92
N ILE A 170 7.49 0.47 -15.78
CA ILE A 170 7.67 0.05 -17.17
C ILE A 170 8.62 0.98 -17.91
N ALA A 171 8.46 2.28 -17.69
CA ALA A 171 9.32 3.28 -18.34
C ALA A 171 10.78 3.16 -17.89
N SER A 172 11.00 2.68 -16.67
CA SER A 172 12.33 2.74 -16.05
C SER A 172 13.23 1.57 -16.44
N ASN A 173 13.35 1.35 -17.77
CA ASN A 173 14.23 0.32 -18.32
C ASN A 173 14.73 0.89 -19.65
N GLY A 174 15.88 0.41 -20.12
CA GLY A 174 16.29 0.72 -21.49
C GLY A 174 15.16 0.27 -22.41
N GLY A 175 14.93 1.01 -23.50
CA GLY A 175 13.80 0.71 -24.36
C GLY A 175 12.43 1.00 -23.73
N GLY A 176 12.41 1.88 -22.73
CA GLY A 176 11.17 2.16 -22.01
C GLY A 176 10.04 2.61 -22.92
N LYS A 177 10.34 3.47 -23.90
CA LYS A 177 9.30 3.90 -24.85
C LYS A 177 8.66 2.70 -25.55
N GLN A 178 9.47 1.74 -25.98
CA GLN A 178 8.93 0.56 -26.67
C GLN A 178 8.05 -0.29 -25.75
N ALA A 179 8.47 -0.41 -24.50
CA ALA A 179 7.69 -1.22 -23.57
C ALA A 179 6.34 -0.55 -23.30
N LEU A 180 6.34 0.76 -23.09
CA LEU A 180 5.10 1.48 -22.84
C LEU A 180 4.12 1.36 -24.00
N GLU A 181 4.61 1.58 -25.22
CA GLU A 181 3.76 1.51 -26.39
C GLU A 181 3.22 0.11 -26.58
N THR A 182 4.04 -0.89 -26.28
CA THR A 182 3.63 -2.28 -26.49
C THR A 182 2.59 -2.70 -25.44
N VAL A 183 2.77 -2.23 -24.21
CA VAL A 183 1.79 -2.49 -23.15
C VAL A 183 0.46 -1.89 -23.50
N GLN A 184 0.48 -0.66 -24.00
CA GLN A 184 -0.77 -0.01 -24.39
C GLN A 184 -1.54 -0.89 -25.39
N ARG A 185 -0.82 -1.50 -26.33
CA ARG A 185 -1.46 -2.29 -27.38
C ARG A 185 -1.83 -3.70 -26.93
N LEU A 186 -0.98 -4.31 -26.10
CA LEU A 186 -1.13 -5.73 -25.80
C LEU A 186 -1.80 -6.03 -24.46
N LEU A 187 -1.95 -5.02 -23.62
CA LEU A 187 -2.56 -5.24 -22.28
C LEU A 187 -3.97 -5.89 -22.38
N PRO A 188 -4.88 -5.31 -23.19
CA PRO A 188 -6.19 -5.99 -23.27
C PRO A 188 -6.12 -7.35 -23.95
N VAL A 189 -5.21 -7.52 -24.90
CA VAL A 189 -5.03 -8.81 -25.55
C VAL A 189 -4.55 -9.86 -24.57
N LEU A 190 -3.53 -9.52 -23.77
CA LEU A 190 -2.95 -10.50 -22.85
C LEU A 190 -3.91 -10.80 -21.68
N CYS A 191 -4.61 -9.77 -21.21
CA CYS A 191 -5.49 -9.93 -20.07
C CYS A 191 -6.78 -10.67 -20.46
N GLN A 192 -7.43 -10.21 -21.52
CA GLN A 192 -8.73 -10.75 -21.91
C GLN A 192 -8.65 -12.10 -22.63
N ALA A 193 -7.67 -12.27 -23.51
CA ALA A 193 -7.55 -13.54 -24.23
C ALA A 193 -6.89 -14.64 -23.39
N HIS A 194 -5.98 -14.26 -22.51
CA HIS A 194 -5.15 -15.26 -21.84
C HIS A 194 -5.27 -15.23 -20.33
N GLY A 195 -6.10 -14.33 -19.81
CA GLY A 195 -6.38 -14.30 -18.39
C GLY A 195 -5.24 -13.81 -17.52
N LEU A 196 -4.28 -13.08 -18.10
CA LEU A 196 -3.22 -12.47 -17.28
C LEU A 196 -3.76 -11.26 -16.53
N THR A 197 -3.23 -11.00 -15.35
CA THR A 197 -3.57 -9.79 -14.61
C THR A 197 -2.71 -8.66 -15.13
N PRO A 198 -3.15 -7.40 -14.94
CA PRO A 198 -2.31 -6.27 -15.37
C PRO A 198 -0.96 -6.36 -14.68
N GLN A 199 -0.98 -6.87 -13.46
CA GLN A 199 0.21 -7.02 -12.63
C GLN A 199 1.22 -7.96 -13.30
N GLN A 200 0.73 -9.03 -13.88
CA GLN A 200 1.59 -9.94 -14.60
C GLN A 200 2.11 -9.26 -15.87
N VAL A 201 1.25 -8.51 -16.54
CA VAL A 201 1.68 -7.81 -17.75
C VAL A 201 2.78 -6.79 -17.42
N VAL A 202 2.59 -6.04 -16.34
CA VAL A 202 3.61 -5.08 -15.94
C VAL A 202 4.90 -5.79 -15.60
N ALA A 203 4.78 -6.96 -14.96
CA ALA A 203 5.96 -7.76 -14.61
C ALA A 203 6.72 -8.19 -15.86
N ILE A 204 6.00 -8.58 -16.92
CA ILE A 204 6.67 -8.94 -18.17
C ILE A 204 7.31 -7.70 -18.82
N ALA A 205 6.60 -6.57 -18.78
CA ALA A 205 7.01 -5.34 -19.46
C ALA A 205 8.18 -4.62 -18.79
N SER A 206 8.27 -4.78 -17.47
CA SER A 206 9.24 -4.08 -16.66
C SER A 206 10.63 -4.71 -16.68
N ASN A 207 11.17 -4.88 -17.87
CA ASN A 207 12.53 -5.38 -18.05
C ASN A 207 13.06 -4.87 -19.37
N GLY A 208 14.38 -4.84 -19.53
CA GLY A 208 14.92 -4.51 -20.83
C GLY A 208 14.35 -5.55 -21.79
N GLY A 209 14.17 -5.19 -23.06
CA GLY A 209 13.47 -6.07 -23.99
C GLY A 209 12.03 -6.31 -23.55
N GLY A 210 11.46 -5.34 -22.84
CA GLY A 210 10.09 -5.44 -22.39
C GLY A 210 9.16 -5.66 -23.58
N LYS A 211 9.31 -4.84 -24.62
CA LYS A 211 8.51 -4.99 -25.83
C LYS A 211 8.61 -6.39 -26.41
N GLN A 212 9.83 -6.91 -26.51
CA GLN A 212 10.07 -8.22 -27.11
C GLN A 212 9.43 -9.31 -26.27
N ALA A 213 9.51 -9.17 -24.95
CA ALA A 213 8.97 -10.21 -24.07
C ALA A 213 7.44 -10.24 -24.17
N LEU A 214 6.82 -9.06 -24.23
CA LEU A 214 5.36 -8.99 -24.33
C LEU A 214 4.86 -9.61 -25.64
N GLU A 215 5.51 -9.27 -26.76
CA GLU A 215 5.08 -9.80 -28.04
C GLU A 215 5.35 -11.30 -28.13
N THR A 216 6.40 -11.76 -27.45
CA THR A 216 6.73 -13.18 -27.49
C THR A 216 5.75 -13.98 -26.62
N VAL A 217 5.29 -13.36 -25.53
CA VAL A 217 4.31 -14.01 -24.66
C VAL A 217 3.00 -14.14 -25.43
N GLN A 218 2.62 -13.08 -26.13
CA GLN A 218 1.43 -13.13 -26.98
C GLN A 218 1.55 -14.25 -28.00
N ARG A 219 2.68 -14.30 -28.70
CA ARG A 219 2.89 -15.30 -29.76
C ARG A 219 3.01 -16.75 -29.25
N LEU A 220 3.71 -16.95 -28.14
CA LEU A 220 4.06 -18.31 -27.70
C LEU A 220 3.20 -18.89 -26.59
N LEU A 221 2.47 -18.05 -25.86
CA LEU A 221 1.63 -18.54 -24.77
C LEU A 221 0.74 -19.74 -25.19
N PRO A 222 -0.01 -19.62 -26.30
CA PRO A 222 -0.88 -20.75 -26.69
C PRO A 222 -0.10 -22.04 -26.95
N VAL A 223 0.96 -21.95 -27.74
CA VAL A 223 1.77 -23.10 -28.11
C VAL A 223 2.42 -23.76 -26.88
N LEU A 224 2.92 -22.93 -25.96
CA LEU A 224 3.59 -23.43 -24.76
C LEU A 224 2.62 -24.05 -23.76
N CYS A 225 1.40 -23.51 -23.69
CA CYS A 225 0.41 -23.97 -22.71
C CYS A 225 -0.50 -25.07 -23.23
N GLN A 226 -0.11 -25.69 -24.32
CA GLN A 226 -0.88 -26.78 -24.91
C GLN A 226 0.07 -27.94 -25.14
N ALA A 227 1.04 -27.71 -26.03
CA ALA A 227 1.97 -28.75 -26.47
C ALA A 227 3.03 -29.10 -25.43
N HIS A 228 3.25 -28.21 -24.47
CA HIS A 228 4.30 -28.40 -23.48
C HIS A 228 3.75 -28.44 -22.06
N GLY A 229 2.42 -28.44 -21.93
CA GLY A 229 1.77 -28.51 -20.64
C GLY A 229 2.26 -27.48 -19.62
N LEU A 230 2.83 -26.40 -20.13
CA LEU A 230 3.27 -25.30 -19.28
C LEU A 230 2.04 -24.52 -18.86
N THR A 231 2.06 -24.02 -17.62
CA THR A 231 0.95 -23.23 -17.12
C THR A 231 1.20 -21.77 -17.49
N PRO A 232 0.14 -20.95 -17.53
CA PRO A 232 0.32 -19.51 -17.72
C PRO A 232 1.25 -18.90 -16.68
N GLN A 233 1.15 -19.34 -15.43
CA GLN A 233 2.05 -18.86 -14.39
C GLN A 233 3.50 -19.09 -14.75
N GLN A 234 3.80 -20.26 -15.32
CA GLN A 234 5.17 -20.60 -15.68
C GLN A 234 5.71 -19.76 -16.84
N VAL A 235 4.87 -19.58 -17.86
CA VAL A 235 5.22 -18.73 -19.00
C VAL A 235 5.47 -17.28 -18.55
N VAL A 236 4.58 -16.76 -17.72
CA VAL A 236 4.76 -15.41 -17.17
C VAL A 236 6.09 -15.33 -16.40
N ALA A 237 6.38 -16.35 -15.61
CA ALA A 237 7.63 -16.34 -14.83
C ALA A 237 8.86 -16.32 -15.74
N ILE A 238 8.87 -17.14 -16.78
CA ILE A 238 9.96 -17.17 -17.76
C ILE A 238 10.09 -15.80 -18.42
N ALA A 239 8.95 -15.17 -18.73
CA ALA A 239 8.97 -13.91 -19.46
C ALA A 239 9.36 -12.72 -18.58
N SER A 240 9.10 -12.81 -17.29
CA SER A 240 9.17 -11.62 -16.43
C SER A 240 10.44 -11.58 -15.60
N ASN A 241 11.22 -12.65 -15.64
CA ASN A 241 12.40 -12.78 -14.80
C ASN A 241 13.69 -12.29 -15.46
N GLY A 242 13.58 -11.70 -16.65
CA GLY A 242 14.73 -11.18 -17.36
C GLY A 242 15.08 -11.98 -18.59
N GLY A 243 14.75 -13.27 -18.58
CA GLY A 243 15.01 -14.14 -19.71
C GLY A 243 14.30 -13.63 -20.95
N GLY A 244 13.16 -12.97 -20.74
CA GLY A 244 12.40 -12.37 -21.81
C GLY A 244 12.17 -13.26 -23.02
N LYS A 245 12.13 -12.62 -24.19
CA LYS A 245 11.85 -13.32 -25.44
C LYS A 245 12.80 -14.49 -25.69
N GLN A 246 14.09 -14.28 -25.41
CA GLN A 246 15.08 -15.31 -25.70
C GLN A 246 14.86 -16.57 -24.86
N ALA A 247 14.57 -16.36 -23.57
CA ALA A 247 14.29 -17.47 -22.64
C ALA A 247 13.06 -18.25 -23.09
N LEU A 248 11.99 -17.55 -23.45
CA LEU A 248 10.75 -18.19 -23.91
C LEU A 248 10.96 -19.05 -25.18
N GLU A 249 11.61 -18.47 -26.18
CA GLU A 249 11.88 -19.22 -27.41
C GLU A 249 12.78 -20.41 -27.11
N THR A 250 13.70 -20.25 -26.17
CA THR A 250 14.62 -21.36 -25.86
C THR A 250 13.91 -22.48 -25.10
N VAL A 251 12.99 -22.11 -24.21
CA VAL A 251 12.18 -23.10 -23.51
C VAL A 251 11.34 -23.92 -24.48
N GLN A 252 10.75 -23.25 -25.47
CA GLN A 252 10.02 -23.96 -26.51
C GLN A 252 10.92 -25.00 -27.19
N ARG A 253 12.14 -24.58 -27.54
CA ARG A 253 13.11 -25.50 -28.15
C ARG A 253 13.59 -26.62 -27.23
N LEU A 254 13.97 -26.27 -26.01
CA LEU A 254 14.78 -27.18 -25.21
C LEU A 254 14.05 -27.94 -24.09
N LEU A 255 12.81 -27.58 -23.81
CA LEU A 255 12.06 -28.28 -22.75
C LEU A 255 12.00 -29.80 -23.01
N PRO A 256 11.53 -30.23 -24.20
CA PRO A 256 11.44 -31.68 -24.41
C PRO A 256 12.80 -32.36 -24.46
N VAL A 257 13.79 -31.69 -25.04
CA VAL A 257 15.15 -32.23 -25.11
C VAL A 257 15.71 -32.49 -23.70
N LEU A 258 15.67 -31.47 -22.85
CA LEU A 258 16.17 -31.57 -21.47
C LEU A 258 15.40 -32.59 -20.62
N CYS A 259 14.06 -32.57 -20.72
CA CYS A 259 13.24 -33.56 -20.02
C CYS A 259 13.57 -35.00 -20.46
N GLN A 260 13.37 -35.30 -21.74
CA GLN A 260 13.61 -36.65 -22.27
C GLN A 260 15.06 -37.14 -22.11
N ALA A 261 16.02 -36.34 -22.55
CA ALA A 261 17.42 -36.76 -22.57
C ALA A 261 18.11 -36.79 -21.19
N HIS A 262 17.62 -35.98 -20.26
CA HIS A 262 18.28 -35.90 -18.95
C HIS A 262 17.38 -36.19 -17.75
N GLY A 263 16.08 -36.32 -17.99
CA GLY A 263 15.15 -36.58 -16.91
C GLY A 263 14.82 -35.35 -16.07
N LEU A 264 15.22 -34.17 -16.53
CA LEU A 264 14.80 -32.95 -15.83
C LEU A 264 13.28 -32.85 -15.90
N THR A 265 12.69 -32.18 -14.91
CA THR A 265 11.26 -31.92 -14.91
C THR A 265 11.03 -30.56 -15.59
N PRO A 266 9.79 -30.33 -16.07
CA PRO A 266 9.45 -29.02 -16.62
C PRO A 266 9.63 -27.91 -15.56
N GLN A 267 9.32 -28.23 -14.31
CA GLN A 267 9.57 -27.28 -13.22
C GLN A 267 11.04 -26.89 -13.18
N GLN A 268 11.92 -27.87 -13.34
CA GLN A 268 13.35 -27.61 -13.33
C GLN A 268 13.78 -26.73 -14.52
N VAL A 269 13.24 -27.03 -15.70
CA VAL A 269 13.55 -26.25 -16.90
C VAL A 269 13.07 -24.79 -16.78
N VAL A 270 11.86 -24.62 -16.23
CA VAL A 270 11.29 -23.28 -16.02
C VAL A 270 12.17 -22.46 -15.07
N ALA A 271 12.68 -23.11 -14.03
CA ALA A 271 13.54 -22.45 -13.06
C ALA A 271 14.84 -22.00 -13.70
N ILE A 272 15.42 -22.85 -14.55
CA ILE A 272 16.63 -22.50 -15.29
C ILE A 272 16.36 -21.33 -16.24
N ALA A 273 15.18 -21.33 -16.86
CA ALA A 273 14.81 -20.30 -17.83
C ALA A 273 14.54 -18.94 -17.19
N SER A 274 14.11 -18.98 -15.93
CA SER A 274 13.55 -17.80 -15.28
C SER A 274 14.61 -16.88 -14.69
N ASN A 275 15.59 -16.49 -15.49
CA ASN A 275 16.61 -15.54 -15.06
C ASN A 275 17.07 -14.75 -16.27
N LYS A 276 17.85 -13.70 -16.04
CA LYS A 276 18.55 -13.04 -17.12
C LYS A 276 19.51 -14.04 -17.74
N GLY A 277 19.54 -14.10 -19.07
CA GLY A 277 20.36 -15.07 -19.77
C GLY A 277 19.85 -16.49 -19.65
N GLY A 278 18.58 -16.65 -19.28
CA GLY A 278 17.96 -17.95 -19.25
C GLY A 278 18.23 -18.77 -20.49
N LYS A 279 18.22 -18.13 -21.66
CA LYS A 279 18.57 -18.85 -22.90
C LYS A 279 19.95 -19.47 -22.81
N GLN A 280 20.91 -18.67 -22.33
CA GLN A 280 22.28 -19.11 -22.24
C GLN A 280 22.40 -20.28 -21.27
N ALA A 281 21.70 -20.18 -20.14
CA ALA A 281 21.70 -21.23 -19.12
C ALA A 281 21.16 -22.56 -19.65
N LEU A 282 20.01 -22.53 -20.31
CA LEU A 282 19.42 -23.73 -20.89
C LEU A 282 20.35 -24.43 -21.88
N GLU A 283 20.86 -23.71 -22.86
CA GLU A 283 21.73 -24.31 -23.87
C GLU A 283 22.99 -24.89 -23.22
N THR A 284 23.47 -24.21 -22.18
CA THR A 284 24.68 -24.68 -21.51
C THR A 284 24.39 -25.96 -20.72
N VAL A 285 23.20 -26.04 -20.11
CA VAL A 285 22.80 -27.25 -19.40
C VAL A 285 22.71 -28.42 -20.39
N GLN A 286 22.13 -28.15 -21.55
CA GLN A 286 21.96 -29.16 -22.59
C GLN A 286 23.33 -29.72 -22.97
N ARG A 287 24.30 -28.82 -23.09
CA ARG A 287 25.66 -29.14 -23.50
C ARG A 287 26.41 -29.87 -22.39
N LEU A 288 26.31 -29.34 -21.17
CA LEU A 288 27.26 -29.65 -20.11
C LEU A 288 26.78 -30.65 -19.05
N LEU A 289 25.47 -30.83 -18.88
CA LEU A 289 25.00 -31.74 -17.84
C LEU A 289 25.72 -33.11 -17.86
N PRO A 290 25.82 -33.77 -19.04
CA PRO A 290 26.47 -35.08 -19.02
C PRO A 290 27.94 -34.99 -18.65
N VAL A 291 28.62 -33.91 -19.05
CA VAL A 291 30.04 -33.73 -18.79
C VAL A 291 30.30 -33.58 -17.29
N LEU A 292 29.38 -32.90 -16.60
CA LEU A 292 29.49 -32.66 -15.18
C LEU A 292 29.03 -33.88 -14.37
N CYS A 293 28.02 -34.57 -14.89
CA CYS A 293 27.36 -35.67 -14.18
C CYS A 293 27.95 -37.06 -14.40
N GLN A 294 29.08 -37.15 -15.09
CA GLN A 294 29.70 -38.43 -15.36
C GLN A 294 30.42 -38.95 -14.12
N ALA A 295 30.71 -40.25 -14.09
CA ALA A 295 31.47 -40.88 -13.02
C ALA A 295 30.84 -40.74 -11.64
N HIS A 296 29.51 -40.66 -11.59
CA HIS A 296 28.80 -40.13 -10.43
C HIS A 296 29.51 -38.87 -9.99
N GLY A 297 29.64 -37.90 -10.89
CA GLY A 297 30.23 -36.62 -10.56
C GLY A 297 29.17 -35.80 -9.87
N LEU A 298 28.86 -34.64 -10.43
CA LEU A 298 27.74 -33.86 -9.92
C LEU A 298 26.45 -34.58 -10.26
N THR A 299 25.44 -34.39 -9.42
CA THR A 299 24.11 -34.87 -9.73
C THR A 299 23.45 -33.88 -10.67
N PRO A 300 22.47 -34.35 -11.47
CA PRO A 300 21.61 -33.46 -12.26
C PRO A 300 21.08 -32.34 -11.39
N GLN A 301 20.53 -32.68 -10.22
CA GLN A 301 19.98 -31.71 -9.28
C GLN A 301 20.95 -30.57 -8.98
N GLN A 302 22.21 -30.93 -8.72
CA GLN A 302 23.23 -29.93 -8.45
C GLN A 302 23.50 -29.06 -9.70
N VAL A 303 23.50 -29.68 -10.86
CA VAL A 303 23.65 -28.92 -12.10
C VAL A 303 22.48 -27.94 -12.29
N VAL A 304 21.26 -28.38 -11.99
CA VAL A 304 20.06 -27.55 -12.09
C VAL A 304 20.15 -26.35 -11.15
N ALA A 305 20.72 -26.57 -9.97
CA ALA A 305 20.83 -25.51 -8.97
C ALA A 305 21.79 -24.43 -9.45
N ILE A 306 22.93 -24.85 -9.98
CA ILE A 306 23.92 -23.90 -10.51
C ILE A 306 23.33 -23.11 -11.67
N ALA A 307 22.68 -23.82 -12.59
CA ALA A 307 22.07 -23.20 -13.76
C ALA A 307 20.96 -22.21 -13.43
N SER A 308 20.28 -22.44 -12.32
CA SER A 308 19.07 -21.68 -11.96
C SER A 308 19.30 -20.27 -11.38
N ASN A 309 20.35 -19.58 -11.81
CA ASN A 309 20.57 -18.20 -11.38
C ASN A 309 20.96 -17.34 -12.57
N GLY A 310 20.86 -16.01 -12.42
CA GLY A 310 21.34 -15.12 -13.46
C GLY A 310 22.79 -15.44 -13.78
N GLY A 311 23.14 -15.47 -15.06
CA GLY A 311 24.47 -15.87 -15.44
C GLY A 311 24.78 -17.35 -15.19
N GLY A 312 23.74 -18.18 -15.14
CA GLY A 312 23.92 -19.62 -14.94
C GLY A 312 24.96 -20.23 -15.86
N LYS A 313 24.96 -19.80 -17.12
CA LYS A 313 25.93 -20.28 -18.09
C LYS A 313 27.34 -20.04 -17.58
N GLN A 314 27.61 -18.84 -17.07
CA GLN A 314 28.94 -18.51 -16.59
C GLN A 314 29.33 -19.39 -15.39
N ALA A 315 28.37 -19.61 -14.49
CA ALA A 315 28.60 -20.44 -13.31
C ALA A 315 28.92 -21.88 -13.73
N LEU A 316 28.09 -22.44 -14.60
CA LEU A 316 28.30 -23.78 -15.14
C LEU A 316 29.70 -23.98 -15.72
N GLU A 317 30.09 -23.12 -16.66
CA GLU A 317 31.38 -23.27 -17.33
C GLU A 317 32.51 -23.09 -16.34
N THR A 318 32.30 -22.23 -15.34
CA THR A 318 33.37 -21.98 -14.37
C THR A 318 33.51 -23.17 -13.42
N VAL A 319 32.39 -23.77 -13.04
CA VAL A 319 32.42 -25.02 -12.27
C VAL A 319 33.22 -26.07 -13.03
N GLN A 320 32.87 -26.27 -14.30
CA GLN A 320 33.55 -27.25 -15.14
C GLN A 320 35.06 -27.00 -15.15
N ARG A 321 35.44 -25.73 -15.14
CA ARG A 321 36.86 -25.37 -15.18
C ARG A 321 37.51 -25.56 -13.81
N LEU A 322 36.80 -25.18 -12.75
CA LEU A 322 37.41 -25.04 -11.44
C LEU A 322 37.10 -26.14 -10.42
N LEU A 323 36.02 -26.89 -10.63
CA LEU A 323 35.71 -28.03 -9.76
C LEU A 323 36.94 -28.87 -9.38
N PRO A 324 37.71 -29.35 -10.39
CA PRO A 324 38.83 -30.21 -9.99
C PRO A 324 39.95 -29.49 -9.23
N VAL A 325 40.30 -28.27 -9.62
CA VAL A 325 41.37 -27.55 -8.94
C VAL A 325 40.97 -27.13 -7.51
N LEU A 326 39.70 -26.74 -7.34
CA LEU A 326 39.19 -26.29 -6.05
C LEU A 326 39.12 -27.46 -5.07
N CYS A 327 38.67 -28.60 -5.57
CA CYS A 327 38.53 -29.79 -4.74
C CYS A 327 39.87 -30.38 -4.38
N GLN A 328 40.78 -30.42 -5.35
CA GLN A 328 42.10 -31.01 -5.13
C GLN A 328 43.03 -30.04 -4.41
N ALA A 329 43.42 -28.97 -5.08
CA ALA A 329 44.41 -28.03 -4.54
C ALA A 329 43.96 -27.25 -3.28
N HIS A 330 42.65 -27.03 -3.11
CA HIS A 330 42.15 -26.25 -1.99
C HIS A 330 41.35 -27.07 -0.98
N GLY A 331 41.08 -28.33 -1.30
CA GLY A 331 40.45 -29.24 -0.35
C GLY A 331 38.97 -29.04 -0.12
N LEU A 332 38.29 -28.36 -1.05
CA LEU A 332 36.85 -28.17 -0.93
C LEU A 332 36.10 -29.43 -1.39
N THR A 333 34.91 -29.65 -0.85
CA THR A 333 34.04 -30.72 -1.33
C THR A 333 33.39 -30.27 -2.64
N PRO A 334 32.98 -31.24 -3.47
CA PRO A 334 32.20 -30.88 -4.66
C PRO A 334 30.94 -30.13 -4.24
N GLN A 335 30.36 -30.58 -3.12
CA GLN A 335 29.19 -29.94 -2.50
C GLN A 335 29.43 -28.45 -2.21
N GLN A 336 30.64 -28.12 -1.74
CA GLN A 336 30.96 -26.74 -1.40
C GLN A 336 31.12 -25.89 -2.66
N VAL A 337 31.71 -26.46 -3.70
CA VAL A 337 31.80 -25.75 -4.97
C VAL A 337 30.40 -25.45 -5.53
N VAL A 338 29.51 -26.43 -5.49
CA VAL A 338 28.11 -26.23 -5.90
C VAL A 338 27.47 -25.10 -5.12
N ALA A 339 27.70 -25.09 -3.81
CA ALA A 339 27.14 -24.05 -2.94
C ALA A 339 27.58 -22.67 -3.42
N ILE A 340 28.89 -22.51 -3.60
CA ILE A 340 29.48 -21.23 -4.00
C ILE A 340 28.94 -20.77 -5.35
N ALA A 341 28.77 -21.74 -6.25
CA ALA A 341 28.33 -21.47 -7.62
C ALA A 341 26.84 -21.11 -7.75
N SER A 342 26.03 -21.52 -6.77
CA SER A 342 24.58 -21.46 -6.93
C SER A 342 23.96 -20.12 -6.49
N HIS A 343 24.54 -19.03 -6.96
CA HIS A 343 24.00 -17.70 -6.70
C HIS A 343 24.33 -16.85 -7.92
N ASP A 344 23.59 -15.77 -8.14
CA ASP A 344 23.93 -14.81 -9.19
C ASP A 344 25.41 -14.45 -9.05
N GLY A 345 26.14 -14.42 -10.17
CA GLY A 345 27.57 -14.10 -10.14
C GLY A 345 28.43 -15.24 -9.62
N GLY A 346 27.89 -16.46 -9.66
CA GLY A 346 28.61 -17.64 -9.23
C GLY A 346 30.00 -17.76 -9.81
N LYS A 347 30.16 -17.35 -11.07
CA LYS A 347 31.47 -17.36 -11.69
C LYS A 347 32.45 -16.47 -10.95
N GLN A 348 32.00 -15.26 -10.59
CA GLN A 348 32.85 -14.30 -9.90
C GLN A 348 33.25 -14.82 -8.53
N ALA A 349 32.28 -15.37 -7.82
CA ALA A 349 32.51 -15.92 -6.48
C ALA A 349 33.50 -17.07 -6.52
N LEU A 350 33.27 -18.01 -7.45
CA LEU A 350 34.16 -19.15 -7.62
C LEU A 350 35.58 -18.71 -7.90
N GLU A 351 35.74 -17.75 -8.81
CA GLU A 351 37.06 -17.28 -9.15
C GLU A 351 37.69 -16.54 -7.98
N THR A 352 36.87 -15.88 -7.19
CA THR A 352 37.42 -15.10 -6.07
C THR A 352 37.85 -16.04 -4.92
N VAL A 353 37.11 -17.14 -4.73
CA VAL A 353 37.48 -18.16 -3.74
C VAL A 353 38.80 -18.83 -4.13
N GLN A 354 38.93 -19.20 -5.40
CA GLN A 354 40.15 -19.82 -5.89
C GLN A 354 41.32 -18.91 -5.56
N ARG A 355 41.12 -17.62 -5.79
CA ARG A 355 42.14 -16.60 -5.58
C ARG A 355 42.40 -16.26 -4.11
N LEU A 356 41.34 -16.17 -3.30
CA LEU A 356 41.45 -15.62 -1.95
C LEU A 356 41.33 -16.63 -0.80
N LEU A 357 40.86 -17.85 -1.06
CA LEU A 357 40.76 -18.87 0.00
C LEU A 357 42.11 -19.06 0.73
N PRO A 358 43.21 -19.27 -0.03
CA PRO A 358 44.53 -19.34 0.61
C PRO A 358 44.87 -18.13 1.48
N VAL A 359 44.63 -16.93 0.96
CA VAL A 359 45.03 -15.72 1.68
C VAL A 359 44.16 -15.44 2.91
N LEU A 360 42.84 -15.65 2.79
CA LEU A 360 41.94 -15.43 3.91
C LEU A 360 42.23 -16.41 5.05
N CYS A 361 42.56 -17.65 4.68
CA CYS A 361 42.90 -18.68 5.66
C CYS A 361 44.24 -18.38 6.32
N GLN A 362 45.24 -18.12 5.50
CA GLN A 362 46.62 -18.00 5.97
C GLN A 362 46.89 -16.63 6.59
N ALA A 363 46.47 -15.57 5.90
CA ALA A 363 46.79 -14.22 6.37
C ALA A 363 45.81 -13.69 7.42
N HIS A 364 44.59 -14.23 7.44
CA HIS A 364 43.52 -13.69 8.29
C HIS A 364 42.97 -14.70 9.27
N GLY A 365 43.42 -15.94 9.16
CA GLY A 365 43.02 -16.99 10.10
C GLY A 365 41.59 -17.43 10.01
N LEU A 366 40.98 -17.37 8.82
CA LEU A 366 39.64 -17.92 8.65
C LEU A 366 39.73 -19.40 8.27
N THR A 367 38.65 -20.14 8.46
CA THR A 367 38.56 -21.52 7.97
C THR A 367 38.11 -21.48 6.51
N PRO A 368 38.38 -22.57 5.76
CA PRO A 368 37.80 -22.68 4.41
C PRO A 368 36.29 -22.61 4.48
N GLU A 369 35.70 -23.17 5.54
CA GLU A 369 34.25 -23.15 5.75
C GLU A 369 33.70 -21.74 5.83
N GLN A 370 34.47 -20.87 6.48
CA GLN A 370 34.07 -19.48 6.62
C GLN A 370 34.16 -18.77 5.26
N VAL A 371 35.24 -19.06 4.53
CA VAL A 371 35.43 -18.49 3.20
C VAL A 371 34.27 -18.92 2.29
N VAL A 372 33.92 -20.19 2.36
CA VAL A 372 32.80 -20.71 1.58
C VAL A 372 31.49 -20.03 1.99
N ALA A 373 31.31 -19.83 3.29
CA ALA A 373 30.08 -19.23 3.80
C ALA A 373 29.91 -17.80 3.28
N ILE A 374 31.00 -17.05 3.28
CA ILE A 374 31.00 -15.68 2.76
C ILE A 374 30.74 -15.70 1.25
N ALA A 375 31.38 -16.63 0.56
CA ALA A 375 31.29 -16.75 -0.90
C ALA A 375 29.90 -17.13 -1.38
N SER A 376 29.15 -17.83 -0.53
CA SER A 376 27.88 -18.45 -0.94
C SER A 376 26.65 -17.55 -0.82
N ASN A 377 26.76 -16.37 -1.39
CA ASN A 377 25.63 -15.44 -1.46
C ASN A 377 25.79 -14.68 -2.76
N GLY A 378 24.74 -14.01 -3.21
CA GLY A 378 24.85 -13.12 -4.34
C GLY A 378 25.87 -12.04 -4.00
N GLY A 379 26.73 -11.72 -4.95
CA GLY A 379 27.78 -10.73 -4.74
C GLY A 379 28.91 -11.26 -3.86
N GLY A 380 29.06 -12.59 -3.81
CA GLY A 380 30.04 -13.21 -2.96
C GLY A 380 31.45 -12.69 -3.19
N LYS A 381 31.77 -12.41 -4.44
CA LYS A 381 33.07 -11.84 -4.76
C LYS A 381 33.26 -10.55 -3.99
N GLN A 382 32.23 -9.71 -3.95
CA GLN A 382 32.33 -8.42 -3.30
C GLN A 382 32.52 -8.58 -1.80
N ALA A 383 31.77 -9.49 -1.20
CA ALA A 383 31.90 -9.72 0.24
C ALA A 383 33.28 -10.30 0.61
N LEU A 384 33.79 -11.24 -0.18
CA LEU A 384 35.12 -11.79 0.04
C LEU A 384 36.22 -10.72 -0.02
N GLU A 385 36.19 -9.87 -1.05
CA GLU A 385 37.21 -8.82 -1.18
C GLU A 385 37.09 -7.74 -0.09
N THR A 386 35.87 -7.55 0.41
CA THR A 386 35.65 -6.56 1.46
C THR A 386 36.09 -7.10 2.83
N VAL A 387 35.86 -8.40 3.07
CA VAL A 387 36.39 -9.04 4.25
C VAL A 387 37.92 -8.96 4.26
N GLN A 388 38.53 -9.22 3.11
CA GLN A 388 39.99 -9.13 3.02
C GLN A 388 40.47 -7.73 3.40
N ARG A 389 39.80 -6.71 2.86
CA ARG A 389 40.19 -5.32 3.12
C ARG A 389 39.90 -4.85 4.55
N LEU A 390 38.80 -5.30 5.14
CA LEU A 390 38.27 -4.64 6.32
C LEU A 390 38.41 -5.43 7.63
N LEU A 391 38.80 -6.70 7.52
CA LEU A 391 39.01 -7.53 8.70
C LEU A 391 39.98 -6.89 9.72
N PRO A 392 41.13 -6.37 9.27
CA PRO A 392 41.98 -5.82 10.32
C PRO A 392 41.42 -4.55 10.98
N VAL A 393 40.79 -3.65 10.24
CA VAL A 393 40.29 -2.43 10.91
C VAL A 393 39.07 -2.74 11.81
N LEU A 394 38.19 -3.59 11.31
CA LEU A 394 36.98 -3.99 12.05
C LEU A 394 37.37 -4.69 13.35
N CYS A 395 38.35 -5.58 13.27
CA CYS A 395 38.81 -6.31 14.43
C CYS A 395 39.68 -5.47 15.37
N GLN A 396 40.72 -4.83 14.83
CA GLN A 396 41.70 -4.11 15.66
C GLN A 396 41.21 -2.76 16.18
N ALA A 397 40.51 -2.01 15.33
CA ALA A 397 40.07 -0.67 15.72
C ALA A 397 38.66 -0.64 16.32
N HIS A 398 37.77 -1.49 15.82
CA HIS A 398 36.39 -1.46 16.27
C HIS A 398 36.07 -2.56 17.28
N GLY A 399 37.00 -3.49 17.49
CA GLY A 399 36.84 -4.48 18.54
C GLY A 399 36.04 -5.72 18.16
N LEU A 400 35.64 -5.83 16.90
CA LEU A 400 34.83 -6.97 16.48
C LEU A 400 35.68 -8.25 16.42
N THR A 401 35.04 -9.40 16.61
CA THR A 401 35.74 -10.66 16.46
C THR A 401 35.66 -11.08 15.00
N PRO A 402 36.57 -11.97 14.55
CA PRO A 402 36.49 -12.46 13.17
C PRO A 402 35.14 -13.13 12.90
N GLU A 403 34.61 -13.86 13.88
CA GLU A 403 33.29 -14.49 13.76
C GLU A 403 32.19 -13.47 13.43
N GLN A 404 32.24 -12.31 14.07
CA GLN A 404 31.23 -11.28 13.87
C GLN A 404 31.39 -10.68 12.49
N VAL A 405 32.63 -10.52 12.04
CA VAL A 405 32.90 -9.95 10.71
C VAL A 405 32.36 -10.92 9.66
N VAL A 406 32.62 -12.22 9.85
CA VAL A 406 32.17 -13.24 8.90
C VAL A 406 30.64 -13.27 8.85
N ALA A 407 30.00 -13.11 10.01
CA ALA A 407 28.54 -13.07 10.04
C ALA A 407 27.97 -11.87 9.31
N ILE A 408 28.62 -10.71 9.41
CA ILE A 408 28.11 -9.54 8.69
C ILE A 408 28.28 -9.77 7.19
N ALA A 409 29.40 -10.39 6.85
CA ALA A 409 29.76 -10.59 5.44
C ALA A 409 28.87 -11.63 4.74
N SER A 410 28.26 -12.52 5.53
CA SER A 410 27.66 -13.73 4.98
C SER A 410 26.19 -13.60 4.58
N HIS A 411 25.86 -12.52 3.88
CA HIS A 411 24.53 -12.28 3.36
C HIS A 411 24.69 -11.51 2.08
N ASP A 412 23.67 -11.55 1.21
CA ASP A 412 23.61 -10.65 0.06
C ASP A 412 23.86 -9.21 0.50
N GLY A 413 24.67 -8.49 -0.26
CA GLY A 413 25.01 -7.12 0.10
C GLY A 413 26.05 -7.06 1.22
N GLY A 414 26.64 -8.21 1.55
CA GLY A 414 27.67 -8.28 2.59
C GLY A 414 28.70 -7.17 2.57
N LYS A 415 29.21 -6.86 1.38
CA LYS A 415 30.14 -5.74 1.21
C LYS A 415 29.57 -4.44 1.75
N GLN A 416 28.34 -4.12 1.37
CA GLN A 416 27.69 -2.89 1.84
C GLN A 416 27.54 -2.89 3.37
N ALA A 417 27.12 -4.02 3.91
CA ALA A 417 26.93 -4.13 5.35
C ALA A 417 28.26 -3.93 6.08
N LEU A 418 29.33 -4.56 5.58
CA LEU A 418 30.67 -4.40 6.18
C LEU A 418 31.16 -2.93 6.15
N GLU A 419 30.98 -2.25 5.02
CA GLU A 419 31.46 -0.87 4.89
C GLU A 419 30.65 0.07 5.79
N THR A 420 29.36 -0.18 5.86
CA THR A 420 28.47 0.61 6.71
C THR A 420 28.75 0.42 8.20
N VAL A 421 29.07 -0.80 8.61
CA VAL A 421 29.45 -1.04 10.00
C VAL A 421 30.74 -0.29 10.30
N GLN A 422 31.73 -0.43 9.43
CA GLN A 422 32.98 0.29 9.59
C GLN A 422 32.72 1.77 9.76
N ARG A 423 31.79 2.30 8.96
N ARG A 423 31.79 2.30 8.96
CA ARG A 423 31.46 3.72 8.98
CA ARG A 423 31.43 3.72 8.96
C ARG A 423 30.67 4.18 10.21
C ARG A 423 30.69 4.16 10.23
N LEU A 424 29.67 3.39 10.60
CA LEU A 424 28.69 3.86 11.58
C LEU A 424 28.80 3.27 12.98
N LEU A 425 29.59 2.20 13.14
CA LEU A 425 29.79 1.63 14.47
C LEU A 425 30.10 2.70 15.53
N PRO A 426 31.08 3.60 15.26
CA PRO A 426 31.46 4.56 16.30
C PRO A 426 30.33 5.51 16.73
N VAL A 427 29.56 6.07 15.81
CA VAL A 427 28.49 6.97 16.23
C VAL A 427 27.33 6.22 16.91
N LEU A 428 27.03 5.02 16.40
CA LEU A 428 26.00 4.18 17.02
C LEU A 428 26.36 3.77 18.44
N CYS A 429 27.63 3.43 18.66
CA CYS A 429 28.07 2.95 19.97
C CYS A 429 28.45 4.08 20.92
N GLN A 430 29.42 4.90 20.51
CA GLN A 430 29.88 6.01 21.33
C GLN A 430 28.79 7.07 21.54
N ALA A 431 28.16 7.49 20.45
CA ALA A 431 27.23 8.62 20.53
C ALA A 431 25.80 8.28 20.96
N HIS A 432 25.38 7.02 20.80
CA HIS A 432 23.99 6.65 21.11
C HIS A 432 23.83 5.40 21.97
N GLY A 433 24.94 4.80 22.37
CA GLY A 433 24.91 3.74 23.36
C GLY A 433 24.38 2.38 22.92
N LEU A 434 24.41 2.12 21.61
CA LEU A 434 24.12 0.77 21.16
C LEU A 434 25.37 -0.05 21.49
N THR A 435 25.21 -1.33 21.74
CA THR A 435 26.37 -2.20 21.89
C THR A 435 26.84 -2.69 20.53
N PRO A 436 28.15 -2.95 20.40
CA PRO A 436 28.68 -3.56 19.18
C PRO A 436 27.87 -4.81 18.77
N GLN A 437 27.47 -5.62 19.75
CA GLN A 437 26.67 -6.81 19.48
C GLN A 437 25.34 -6.43 18.79
N GLN A 438 24.73 -5.32 19.23
CA GLN A 438 23.50 -4.84 18.60
C GLN A 438 23.75 -4.33 17.18
N VAL A 439 24.84 -3.62 16.98
CA VAL A 439 25.21 -3.18 15.65
C VAL A 439 25.46 -4.39 14.72
N VAL A 440 26.19 -5.39 15.21
CA VAL A 440 26.43 -6.60 14.42
C VAL A 440 25.12 -7.33 14.10
N ALA A 441 24.20 -7.38 15.05
CA ALA A 441 22.91 -8.05 14.85
C ALA A 441 22.11 -7.34 13.77
N ILE A 442 22.08 -6.01 13.80
CA ILE A 442 21.35 -5.25 12.78
C ILE A 442 21.93 -5.54 11.40
N ALA A 443 23.26 -5.56 11.32
CA ALA A 443 23.96 -5.67 10.04
C ALA A 443 24.04 -7.09 9.50
N SER A 444 23.72 -8.08 10.33
CA SER A 444 23.83 -9.47 9.92
C SER A 444 22.55 -10.02 9.28
N ASN A 445 21.98 -9.24 8.36
CA ASN A 445 20.86 -9.67 7.53
C ASN A 445 21.01 -9.06 6.17
N GLY A 446 20.32 -9.60 5.17
CA GLY A 446 20.23 -8.93 3.89
C GLY A 446 19.60 -7.58 4.19
N GLY A 447 19.99 -6.54 3.44
CA GLY A 447 19.54 -5.18 3.77
C GLY A 447 20.24 -4.60 5.00
N GLY A 448 21.37 -5.19 5.39
CA GLY A 448 22.11 -4.70 6.56
C GLY A 448 22.44 -3.22 6.51
N ARG A 449 22.95 -2.77 5.37
CA ARG A 449 23.31 -1.37 5.24
C ARG A 449 22.14 -0.39 5.40
N PRO A 450 21.03 -0.61 4.69
CA PRO A 450 20.02 0.43 4.92
C PRO A 450 19.34 0.32 6.27
N ALA A 451 19.34 -0.86 6.88
CA ALA A 451 18.82 -1.00 8.24
C ALA A 451 19.65 -0.13 9.22
N LEU A 452 20.97 -0.22 9.09
CA LEU A 452 21.88 0.61 9.89
C LEU A 452 21.69 2.12 9.65
N GLU A 453 21.49 2.49 8.38
CA GLU A 453 21.33 3.91 8.03
C GLU A 453 19.99 4.45 8.55
N SER A 454 18.96 3.61 8.52
CA SER A 454 17.66 3.99 9.08
C SER A 454 17.77 4.25 10.58
N ILE A 455 18.45 3.34 11.29
CA ILE A 455 18.73 3.50 12.71
C ILE A 455 19.49 4.79 13.02
N VAL A 456 20.61 5.01 12.33
CA VAL A 456 21.42 6.21 12.51
C VAL A 456 20.61 7.48 12.29
N ALA A 457 19.74 7.43 11.29
CA ALA A 457 18.85 8.55 10.96
C ALA A 457 17.86 8.85 12.09
N GLN A 458 17.32 7.81 12.70
CA GLN A 458 16.36 7.98 13.78
C GLN A 458 17.05 8.49 15.06
N LEU A 459 18.30 8.09 15.25
CA LEU A 459 19.09 8.59 16.38
C LEU A 459 19.62 10.01 16.16
N SER A 460 19.86 10.38 14.91
CA SER A 460 20.45 11.69 14.59
C SER A 460 19.42 12.80 14.27
N ARG A 461 18.27 12.43 13.71
CA ARG A 461 17.16 13.36 13.47
C ARG A 461 15.86 12.63 13.79
N PRO A 462 15.58 12.44 15.09
CA PRO A 462 14.46 11.59 15.51
C PRO A 462 13.12 12.06 14.96
N ASP A 463 12.43 11.12 14.32
CA ASP A 463 11.07 11.34 13.86
C ASP A 463 10.17 10.96 15.02
N PRO A 464 9.30 11.90 15.48
CA PRO A 464 8.43 11.64 16.64
C PRO A 464 7.61 10.36 16.45
N ALA A 465 7.32 10.03 15.20
CA ALA A 465 6.56 8.84 14.84
C ALA A 465 7.16 7.55 15.40
N LEU A 466 8.46 7.58 15.71
CA LEU A 466 9.16 6.39 16.23
C LEU A 466 9.62 6.58 17.68
N ALA A 467 9.39 7.77 18.23
CA ALA A 467 9.92 8.16 19.55
C ALA A 467 9.37 7.35 20.73
N ALA A 468 8.30 6.60 20.51
CA ALA A 468 7.74 5.73 21.54
C ALA A 468 8.54 4.42 21.70
N LEU A 469 9.43 4.15 20.75
CA LEU A 469 10.27 2.96 20.82
C LEU A 469 11.64 3.28 21.43
N THR A 470 12.07 2.47 22.39
CA THR A 470 13.41 2.58 22.94
C THR A 470 14.44 2.17 21.88
N ASN A 471 15.71 2.50 22.10
CA ASN A 471 16.79 2.03 21.25
C ASN A 471 16.74 0.51 21.13
N ASP A 472 16.53 -0.16 22.27
CA ASP A 472 16.41 -1.61 22.27
C ASP A 472 15.27 -2.10 21.38
N HIS A 473 14.12 -1.43 21.46
CA HIS A 473 13.00 -1.82 20.61
C HIS A 473 13.28 -1.56 19.13
N LEU A 474 13.83 -0.39 18.82
CA LEU A 474 14.26 -0.07 17.47
C LEU A 474 15.29 -1.06 16.94
N VAL A 475 16.21 -1.49 17.81
CA VAL A 475 17.17 -2.51 17.43
C VAL A 475 16.44 -3.81 17.07
N ALA A 476 15.48 -4.21 17.89
CA ALA A 476 14.74 -5.44 17.63
C ALA A 476 13.96 -5.36 16.31
N LEU A 477 13.34 -4.21 16.08
CA LEU A 477 12.63 -3.92 14.84
C LEU A 477 13.57 -4.01 13.63
N ALA A 478 14.71 -3.33 13.73
CA ALA A 478 15.73 -3.31 12.67
C ALA A 478 16.24 -4.72 12.33
N CYS A 479 16.36 -5.57 13.34
CA CYS A 479 16.83 -6.93 13.11
C CYS A 479 15.72 -7.76 12.47
N LEU A 480 14.50 -7.52 12.90
CA LEU A 480 13.37 -8.28 12.38
C LEU A 480 13.08 -8.01 10.90
N GLY A 481 13.14 -6.76 10.48
CA GLY A 481 12.71 -6.41 9.14
C GLY A 481 13.38 -5.21 8.53
N GLY A 482 14.54 -4.85 9.08
CA GLY A 482 15.38 -3.83 8.49
C GLY A 482 14.70 -2.50 8.27
N ARG A 483 15.22 -1.73 7.31
CA ARG A 483 14.65 -0.42 6.97
C ARG A 483 13.13 -0.41 6.72
N PRO A 484 12.61 -1.38 5.91
CA PRO A 484 11.16 -1.38 5.66
C PRO A 484 10.34 -1.48 6.95
N ALA A 485 10.75 -2.33 7.89
CA ALA A 485 10.03 -2.43 9.16
C ALA A 485 9.98 -1.09 9.90
N LEU A 486 11.11 -0.38 9.96
CA LEU A 486 11.14 0.98 10.53
C LEU A 486 10.18 1.90 9.78
N ASP A 487 10.28 1.91 8.45
CA ASP A 487 9.38 2.72 7.63
C ASP A 487 7.92 2.33 7.85
N ALA A 488 7.65 1.02 7.90
CA ALA A 488 6.29 0.51 8.12
C ALA A 488 5.72 1.01 9.46
N VAL A 489 6.55 1.01 10.49
CA VAL A 489 6.10 1.43 11.83
C VAL A 489 5.74 2.92 11.86
N LYS A 490 6.49 3.73 11.14
CA LYS A 490 6.16 5.14 11.01
C LYS A 490 4.76 5.32 10.44
N LYS A 491 4.46 4.60 9.37
CA LYS A 491 3.15 4.68 8.74
C LYS A 491 2.05 4.32 9.73
N LEU A 492 2.32 3.33 10.57
CA LEU A 492 1.37 2.87 11.56
C LEU A 492 1.07 3.98 12.57
N GLU A 493 2.13 4.61 13.06
CA GLU A 493 1.99 5.68 14.05
C GLU A 493 0.90 6.68 13.66
N HIS A 494 1.02 7.25 12.46
CA HIS A 494 0.05 8.22 11.99
C HIS A 494 -0.77 7.66 10.87
N GLN B 2 -61.85 -8.84 19.88
CA GLN B 2 -60.74 -8.08 19.30
C GLN B 2 -60.96 -7.83 17.81
N TRP B 3 -61.31 -8.87 17.08
CA TRP B 3 -61.58 -8.74 15.64
C TRP B 3 -62.61 -7.64 15.43
N SER B 4 -62.22 -6.58 14.72
CA SER B 4 -63.10 -5.43 14.55
C SER B 4 -62.63 -4.52 13.43
N GLY B 5 -63.47 -3.56 13.07
CA GLY B 5 -63.14 -2.54 12.08
C GLY B 5 -62.65 -1.26 12.72
N ALA B 6 -62.15 -1.37 13.95
CA ALA B 6 -61.65 -0.20 14.69
C ALA B 6 -60.56 0.52 13.88
N ARG B 7 -60.51 1.84 14.00
CA ARG B 7 -59.59 2.66 13.20
C ARG B 7 -58.10 2.40 13.53
N ALA B 8 -57.21 3.00 12.73
CA ALA B 8 -55.78 2.65 12.76
C ALA B 8 -55.03 3.03 14.05
N LEU B 9 -55.15 4.29 14.47
CA LEU B 9 -54.51 4.70 15.72
C LEU B 9 -55.08 3.92 16.91
N GLU B 10 -56.41 3.73 16.92
N GLU B 10 -56.41 3.77 16.92
CA GLU B 10 -57.05 2.97 17.99
CA GLU B 10 -57.11 2.96 17.92
C GLU B 10 -56.46 1.57 18.07
C GLU B 10 -56.48 1.59 18.05
N ALA B 11 -56.30 0.92 16.92
CA ALA B 11 -55.70 -0.40 16.86
C ALA B 11 -54.27 -0.34 17.41
N LEU B 12 -53.52 0.67 16.97
CA LEU B 12 -52.14 0.85 17.42
C LEU B 12 -52.08 0.99 18.93
N LEU B 13 -52.93 1.87 19.46
CA LEU B 13 -52.94 2.13 20.89
C LEU B 13 -53.42 0.91 21.67
N THR B 14 -54.41 0.21 21.13
CA THR B 14 -54.87 -1.03 21.76
C THR B 14 -53.73 -2.05 21.87
N VAL B 15 -52.94 -2.18 20.81
CA VAL B 15 -51.80 -3.08 20.84
C VAL B 15 -50.70 -2.61 21.80
N ALA B 16 -50.49 -1.29 21.87
CA ALA B 16 -49.48 -0.72 22.77
C ALA B 16 -49.81 -1.09 24.21
N GLY B 17 -51.10 -1.01 24.55
CA GLY B 17 -51.58 -1.41 25.87
C GLY B 17 -51.18 -2.83 26.24
N GLU B 18 -51.31 -3.75 25.28
CA GLU B 18 -51.00 -5.16 25.51
C GLU B 18 -49.52 -5.48 25.39
N LEU B 19 -48.75 -4.60 24.76
CA LEU B 19 -47.31 -4.79 24.61
C LEU B 19 -46.55 -4.15 25.77
N ARG B 20 -47.22 -3.97 26.90
CA ARG B 20 -46.59 -3.38 28.08
C ARG B 20 -46.31 -4.43 29.14
N GLY B 21 -45.67 -5.52 28.71
CA GLY B 21 -45.28 -6.62 29.60
C GLY B 21 -44.48 -7.64 28.80
N PRO B 22 -44.08 -8.75 29.45
CA PRO B 22 -43.29 -9.76 28.76
C PRO B 22 -44.13 -10.49 27.71
N PRO B 23 -43.48 -11.21 26.77
CA PRO B 23 -42.03 -11.36 26.58
C PRO B 23 -41.49 -10.11 25.90
N LEU B 24 -42.43 -9.30 25.44
CA LEU B 24 -42.13 -8.18 24.57
C LEU B 24 -42.76 -6.93 25.14
N GLN B 25 -42.01 -6.25 26.01
CA GLN B 25 -42.47 -4.99 26.57
C GLN B 25 -41.90 -3.84 25.76
N LEU B 26 -42.79 -3.15 25.07
CA LEU B 26 -42.36 -2.08 24.17
C LEU B 26 -42.80 -0.72 24.68
N ASP B 27 -41.83 0.19 24.80
CA ASP B 27 -42.11 1.57 25.16
C ASP B 27 -42.79 2.30 24.01
N THR B 28 -42.70 3.63 24.04
CA THR B 28 -43.25 4.45 22.96
C THR B 28 -42.12 4.83 22.01
N GLY B 29 -40.89 4.65 22.47
CA GLY B 29 -39.71 4.95 21.67
C GLY B 29 -39.38 3.86 20.65
N GLN B 30 -39.96 2.68 20.85
CA GLN B 30 -39.80 1.60 19.89
C GLN B 30 -41.09 1.49 19.07
N LEU B 31 -42.20 1.77 19.74
CA LEU B 31 -43.53 1.76 19.15
C LEU B 31 -43.67 2.76 17.99
N LEU B 32 -43.36 4.02 18.29
CA LEU B 32 -43.29 5.07 17.28
C LEU B 32 -42.30 4.68 16.18
N LYS B 33 -41.17 4.12 16.59
CA LYS B 33 -40.11 3.76 15.67
C LYS B 33 -40.57 2.68 14.69
N ILE B 34 -41.33 1.71 15.18
CA ILE B 34 -41.89 0.71 14.29
C ILE B 34 -42.95 1.34 13.38
N ALA B 35 -43.80 2.19 13.96
CA ALA B 35 -44.92 2.77 13.22
C ALA B 35 -44.44 3.68 12.10
N LYS B 36 -43.31 4.33 12.31
CA LYS B 36 -42.80 5.30 11.34
C LYS B 36 -42.48 4.66 10.00
N ARG B 37 -42.11 3.39 10.03
CA ARG B 37 -41.66 2.69 8.83
C ARG B 37 -42.55 1.45 8.59
N GLY B 38 -42.61 0.58 9.58
CA GLY B 38 -43.44 -0.61 9.49
C GLY B 38 -44.93 -0.35 9.53
N GLY B 39 -45.30 0.82 10.06
CA GLY B 39 -46.71 1.21 10.15
C GLY B 39 -47.42 0.47 11.26
N VAL B 40 -48.73 0.65 11.35
CA VAL B 40 -49.53 -0.05 12.35
C VAL B 40 -49.53 -1.54 11.99
N THR B 41 -49.41 -1.83 10.70
CA THR B 41 -49.31 -3.21 10.23
C THR B 41 -48.19 -3.99 10.96
N ALA B 42 -46.99 -3.42 11.04
CA ALA B 42 -45.89 -4.12 11.69
C ALA B 42 -46.12 -4.25 13.20
N VAL B 43 -46.73 -3.22 13.78
CA VAL B 43 -47.01 -3.23 15.21
C VAL B 43 -47.98 -4.37 15.53
N GLU B 44 -48.98 -4.54 14.68
CA GLU B 44 -49.94 -5.64 14.85
C GLU B 44 -49.26 -7.00 14.66
N ALA B 45 -48.34 -7.08 13.70
CA ALA B 45 -47.58 -8.29 13.46
C ALA B 45 -46.68 -8.63 14.67
N VAL B 46 -46.06 -7.61 15.25
CA VAL B 46 -45.20 -7.82 16.40
C VAL B 46 -46.02 -8.39 17.56
N HIS B 47 -47.21 -7.82 17.76
CA HIS B 47 -48.12 -8.28 18.81
C HIS B 47 -48.60 -9.70 18.55
N ALA B 48 -48.97 -9.99 17.30
CA ALA B 48 -49.46 -11.34 16.97
C ALA B 48 -48.41 -12.44 17.19
N TRP B 49 -47.16 -12.16 16.84
CA TRP B 49 -46.11 -13.18 16.88
C TRP B 49 -45.09 -13.06 18.01
N ARG B 50 -45.36 -12.22 19.01
CA ARG B 50 -44.38 -11.95 20.07
C ARG B 50 -43.88 -13.18 20.82
N ASN B 51 -44.78 -14.12 21.10
CA ASN B 51 -44.40 -15.34 21.81
C ASN B 51 -43.54 -16.26 20.94
N ALA B 52 -43.95 -16.44 19.69
CA ALA B 52 -43.18 -17.26 18.77
C ALA B 52 -41.82 -16.64 18.45
N LEU B 53 -41.80 -15.33 18.22
CA LEU B 53 -40.54 -14.63 17.93
C LEU B 53 -39.52 -14.77 19.07
N THR B 54 -40.00 -14.67 20.31
CA THR B 54 -39.12 -14.70 21.48
C THR B 54 -38.86 -16.10 22.05
N GLY B 55 -39.81 -17.02 21.87
CA GLY B 55 -39.62 -18.37 22.37
C GLY B 55 -38.81 -19.27 21.45
N ALA B 56 -38.51 -20.47 21.93
CA ALA B 56 -37.78 -21.47 21.16
C ALA B 56 -38.55 -21.89 19.91
N PRO B 57 -37.83 -22.25 18.83
CA PRO B 57 -36.36 -22.27 18.73
C PRO B 57 -35.80 -20.94 18.24
N LEU B 58 -36.66 -19.95 18.02
CA LEU B 58 -36.23 -18.67 17.47
C LEU B 58 -35.38 -17.88 18.49
N ASN B 59 -35.96 -17.57 19.65
CA ASN B 59 -35.25 -16.92 20.74
C ASN B 59 -34.63 -15.56 20.39
N LEU B 60 -35.31 -14.79 19.56
CA LEU B 60 -34.85 -13.44 19.25
C LEU B 60 -35.07 -12.51 20.45
N THR B 61 -34.15 -11.59 20.68
CA THR B 61 -34.34 -10.54 21.68
C THR B 61 -35.41 -9.58 21.21
N PRO B 62 -36.04 -8.84 22.14
CA PRO B 62 -36.98 -7.76 21.81
C PRO B 62 -36.34 -6.74 20.88
N GLU B 63 -35.06 -6.48 21.08
CA GLU B 63 -34.29 -5.55 20.25
C GLU B 63 -34.26 -6.03 18.81
N GLN B 64 -34.01 -7.32 18.63
CA GLN B 64 -33.91 -7.90 17.30
C GLN B 64 -35.26 -7.87 16.61
N VAL B 65 -36.32 -8.09 17.38
CA VAL B 65 -37.68 -8.04 16.87
C VAL B 65 -38.04 -6.63 16.41
N VAL B 66 -37.70 -5.64 17.22
CA VAL B 66 -38.00 -4.25 16.85
C VAL B 66 -37.20 -3.88 15.60
N ALA B 67 -35.96 -4.36 15.53
CA ALA B 67 -35.10 -4.09 14.39
C ALA B 67 -35.69 -4.69 13.10
N ILE B 68 -36.24 -5.89 13.18
CA ILE B 68 -36.89 -6.46 11.99
C ILE B 68 -38.19 -5.74 11.65
N ALA B 69 -38.98 -5.38 12.68
CA ALA B 69 -40.30 -4.77 12.47
C ALA B 69 -40.28 -3.38 11.87
N SER B 70 -39.23 -2.61 12.16
CA SER B 70 -39.21 -1.18 11.84
C SER B 70 -38.66 -0.84 10.44
N HIS B 71 -39.20 -1.51 9.42
CA HIS B 71 -38.88 -1.19 8.03
C HIS B 71 -40.14 -1.40 7.21
N ASP B 72 -40.16 -0.90 5.98
CA ASP B 72 -41.33 -1.11 5.14
C ASP B 72 -41.43 -2.59 4.93
N GLY B 73 -42.65 -3.11 4.97
CA GLY B 73 -42.89 -4.54 4.84
C GLY B 73 -42.49 -5.31 6.08
N GLY B 74 -42.29 -4.61 7.20
CA GLY B 74 -41.90 -5.26 8.44
C GLY B 74 -42.74 -6.49 8.80
N LYS B 75 -44.06 -6.40 8.65
CA LYS B 75 -44.90 -7.58 8.90
C LYS B 75 -44.42 -8.78 8.09
N GLN B 76 -44.12 -8.56 6.80
CA GLN B 76 -43.67 -9.62 5.91
C GLN B 76 -42.33 -10.20 6.34
N ALA B 77 -41.40 -9.34 6.73
CA ALA B 77 -40.11 -9.81 7.21
C ALA B 77 -40.26 -10.62 8.49
N LEU B 78 -41.10 -10.15 9.41
CA LEU B 78 -41.33 -10.88 10.66
C LEU B 78 -41.88 -12.28 10.39
N GLU B 79 -42.83 -12.37 9.46
CA GLU B 79 -43.43 -13.65 9.09
C GLU B 79 -42.35 -14.53 8.49
N THR B 80 -41.61 -13.97 7.54
CA THR B 80 -40.59 -14.71 6.82
C THR B 80 -39.42 -15.18 7.70
N VAL B 81 -39.00 -14.39 8.68
CA VAL B 81 -37.88 -14.85 9.51
C VAL B 81 -38.24 -16.07 10.36
N GLN B 82 -39.50 -16.18 10.76
CA GLN B 82 -39.92 -17.32 11.57
C GLN B 82 -39.74 -18.62 10.80
N ARG B 83 -39.88 -18.52 9.48
CA ARG B 83 -39.80 -19.67 8.59
C ARG B 83 -38.37 -19.92 8.11
N LEU B 84 -37.65 -18.84 7.79
CA LEU B 84 -36.39 -18.95 7.07
C LEU B 84 -35.14 -18.87 7.94
N LEU B 85 -35.24 -18.29 9.14
CA LEU B 85 -34.11 -18.36 10.06
C LEU B 85 -33.69 -19.81 10.35
N PRO B 86 -34.64 -20.70 10.71
CA PRO B 86 -34.22 -22.09 10.94
C PRO B 86 -33.61 -22.74 9.69
N VAL B 87 -34.20 -22.52 8.52
CA VAL B 87 -33.65 -23.06 7.28
C VAL B 87 -32.24 -22.55 7.07
N LEU B 88 -32.10 -21.22 7.08
CA LEU B 88 -30.83 -20.59 6.80
C LEU B 88 -29.76 -21.00 7.79
N CYS B 89 -30.11 -21.06 9.08
CA CYS B 89 -29.17 -21.50 10.11
C CYS B 89 -28.86 -23.00 10.05
N GLN B 90 -29.90 -23.82 10.04
CA GLN B 90 -29.72 -25.28 10.11
C GLN B 90 -29.30 -25.94 8.80
N ALA B 91 -29.77 -25.40 7.68
CA ALA B 91 -29.39 -25.98 6.39
C ALA B 91 -28.10 -25.39 5.79
N HIS B 92 -27.89 -24.09 5.97
CA HIS B 92 -26.78 -23.41 5.30
C HIS B 92 -25.76 -22.80 6.25
N GLY B 93 -26.01 -22.92 7.55
CA GLY B 93 -24.99 -22.59 8.54
C GLY B 93 -24.76 -21.11 8.81
N LEU B 94 -25.78 -20.29 8.53
CA LEU B 94 -25.73 -18.88 8.89
C LEU B 94 -25.95 -18.77 10.39
N THR B 95 -25.54 -17.66 10.99
CA THR B 95 -25.89 -17.41 12.39
C THR B 95 -27.19 -16.63 12.44
N PRO B 96 -27.92 -16.72 13.57
CA PRO B 96 -29.12 -15.92 13.76
C PRO B 96 -28.85 -14.42 13.55
N GLN B 97 -27.71 -13.94 14.01
CA GLN B 97 -27.33 -12.54 13.81
C GLN B 97 -27.32 -12.19 12.32
N GLN B 98 -26.76 -13.08 11.51
CA GLN B 98 -26.67 -12.85 10.08
C GLN B 98 -28.07 -12.80 9.47
N VAL B 99 -28.95 -13.72 9.89
CA VAL B 99 -30.31 -13.75 9.35
C VAL B 99 -31.10 -12.50 9.74
N VAL B 100 -30.96 -12.08 11.00
CA VAL B 100 -31.60 -10.85 11.47
C VAL B 100 -31.11 -9.61 10.71
N ALA B 101 -29.81 -9.57 10.43
CA ALA B 101 -29.23 -8.49 9.63
C ALA B 101 -29.89 -8.41 8.25
N ILE B 102 -29.97 -9.55 7.58
CA ILE B 102 -30.62 -9.63 6.28
C ILE B 102 -32.07 -9.15 6.38
N ALA B 103 -32.74 -9.55 7.46
CA ALA B 103 -34.17 -9.31 7.60
C ALA B 103 -34.49 -7.85 7.94
N SER B 104 -33.48 -7.12 8.45
CA SER B 104 -33.69 -5.79 9.01
C SER B 104 -33.49 -4.64 8.00
N HIS B 105 -34.19 -4.73 6.86
CA HIS B 105 -34.15 -3.69 5.82
C HIS B 105 -35.50 -3.71 5.14
N ASP B 106 -35.89 -2.62 4.47
CA ASP B 106 -37.14 -2.64 3.72
C ASP B 106 -37.15 -3.85 2.80
N GLY B 107 -38.28 -4.52 2.71
CA GLY B 107 -38.41 -5.68 1.84
C GLY B 107 -37.58 -6.85 2.30
N GLY B 108 -37.35 -6.96 3.61
CA GLY B 108 -36.49 -7.99 4.15
C GLY B 108 -36.94 -9.38 3.76
N LYS B 109 -38.25 -9.56 3.57
CA LYS B 109 -38.77 -10.84 3.11
C LYS B 109 -38.14 -11.25 1.79
N GLN B 110 -38.07 -10.30 0.87
CA GLN B 110 -37.52 -10.58 -0.45
C GLN B 110 -36.08 -11.01 -0.34
N ALA B 111 -35.34 -10.30 0.51
CA ALA B 111 -33.93 -10.62 0.72
C ALA B 111 -33.75 -12.03 1.25
N LEU B 112 -34.56 -12.39 2.25
CA LEU B 112 -34.42 -13.68 2.93
C LEU B 112 -34.69 -14.83 1.95
N GLU B 113 -35.77 -14.71 1.17
CA GLU B 113 -36.13 -15.75 0.20
C GLU B 113 -35.09 -15.86 -0.89
N THR B 114 -34.52 -14.72 -1.27
CA THR B 114 -33.51 -14.72 -2.32
C THR B 114 -32.19 -15.29 -1.82
N VAL B 115 -31.87 -15.07 -0.55
CA VAL B 115 -30.69 -15.72 0.01
C VAL B 115 -30.91 -17.24 0.00
N GLN B 116 -32.07 -17.68 0.47
CA GLN B 116 -32.39 -19.12 0.45
C GLN B 116 -32.20 -19.68 -0.95
N ARG B 117 -32.75 -18.99 -1.94
CA ARG B 117 -32.67 -19.47 -3.32
C ARG B 117 -31.26 -19.39 -3.92
N LEU B 118 -30.50 -18.37 -3.57
CA LEU B 118 -29.28 -18.05 -4.35
C LEU B 118 -27.97 -18.40 -3.65
N LEU B 119 -28.02 -18.51 -2.33
CA LEU B 119 -26.90 -19.03 -1.55
C LEU B 119 -26.34 -20.32 -2.18
N PRO B 120 -27.21 -21.31 -2.47
CA PRO B 120 -26.64 -22.53 -3.06
C PRO B 120 -25.98 -22.35 -4.44
N VAL B 121 -26.39 -21.33 -5.20
CA VAL B 121 -25.75 -21.11 -6.52
C VAL B 121 -24.55 -20.16 -6.42
N LEU B 122 -24.64 -19.15 -5.56
CA LEU B 122 -23.53 -18.22 -5.38
C LEU B 122 -22.34 -18.81 -4.63
N CYS B 123 -22.62 -19.76 -3.74
CA CYS B 123 -21.58 -20.29 -2.86
C CYS B 123 -21.02 -21.64 -3.29
N GLN B 124 -21.10 -21.92 -4.59
CA GLN B 124 -20.44 -23.10 -5.16
C GLN B 124 -18.94 -22.84 -5.21
N ALA B 125 -18.16 -23.87 -5.58
CA ALA B 125 -16.70 -23.76 -5.61
C ALA B 125 -16.22 -22.60 -6.46
N HIS B 126 -15.28 -21.83 -5.93
CA HIS B 126 -14.74 -20.63 -6.59
C HIS B 126 -15.79 -19.53 -6.76
N GLY B 127 -16.79 -19.53 -5.89
CA GLY B 127 -17.80 -18.47 -5.89
C GLY B 127 -17.61 -17.57 -4.68
N LEU B 128 -18.69 -16.96 -4.24
CA LEU B 128 -18.63 -16.06 -3.09
C LEU B 128 -18.65 -16.84 -1.78
N THR B 129 -18.14 -16.23 -0.73
CA THR B 129 -18.32 -16.76 0.62
C THR B 129 -19.74 -16.43 1.11
N PRO B 130 -20.24 -17.20 2.10
CA PRO B 130 -21.56 -16.90 2.65
C PRO B 130 -21.57 -15.48 3.20
N GLU B 131 -20.46 -15.08 3.81
CA GLU B 131 -20.33 -13.74 4.38
C GLU B 131 -20.58 -12.67 3.31
N GLN B 132 -20.06 -12.91 2.11
CA GLN B 132 -20.24 -11.98 1.00
C GLN B 132 -21.69 -11.96 0.55
N VAL B 133 -22.30 -13.13 0.46
CA VAL B 133 -23.72 -13.21 0.16
C VAL B 133 -24.54 -12.48 1.22
N VAL B 134 -24.19 -12.66 2.50
CA VAL B 134 -24.91 -11.96 3.56
C VAL B 134 -24.73 -10.44 3.46
N ALA B 135 -23.52 -10.00 3.13
CA ALA B 135 -23.27 -8.56 3.03
C ALA B 135 -24.10 -7.94 1.91
N ILE B 136 -24.14 -8.62 0.77
CA ILE B 136 -24.90 -8.15 -0.38
C ILE B 136 -26.39 -8.08 -0.04
N ALA B 137 -26.88 -9.11 0.66
CA ALA B 137 -28.31 -9.18 1.00
C ALA B 137 -28.77 -8.14 2.03
N SER B 138 -27.85 -7.62 2.83
CA SER B 138 -28.20 -6.80 3.99
C SER B 138 -28.39 -5.31 3.68
N HIS B 139 -29.19 -5.01 2.65
CA HIS B 139 -29.49 -3.63 2.23
C HIS B 139 -30.86 -3.66 1.60
N ASP B 140 -31.57 -2.53 1.63
CA ASP B 140 -32.84 -2.43 0.91
C ASP B 140 -32.58 -2.89 -0.52
N GLY B 141 -33.51 -3.66 -1.10
CA GLY B 141 -33.33 -4.12 -2.47
C GLY B 141 -32.33 -5.25 -2.59
N GLY B 142 -32.03 -5.91 -1.47
CA GLY B 142 -31.02 -6.96 -1.45
C GLY B 142 -31.31 -8.07 -2.43
N LYS B 143 -32.59 -8.38 -2.62
CA LYS B 143 -32.99 -9.36 -3.62
C LYS B 143 -32.48 -8.95 -5.01
N GLN B 144 -32.62 -7.67 -5.33
CA GLN B 144 -32.20 -7.21 -6.65
C GLN B 144 -30.68 -7.31 -6.77
N ALA B 145 -29.99 -6.93 -5.69
CA ALA B 145 -28.54 -6.92 -5.73
C ALA B 145 -28.01 -8.34 -5.88
N LEU B 146 -28.59 -9.27 -5.13
CA LEU B 146 -28.18 -10.67 -5.21
C LEU B 146 -28.40 -11.24 -6.61
N GLU B 147 -29.58 -10.98 -7.18
CA GLU B 147 -29.87 -11.47 -8.53
C GLU B 147 -28.95 -10.84 -9.57
N THR B 148 -28.55 -9.60 -9.34
CA THR B 148 -27.72 -8.89 -10.29
C THR B 148 -26.25 -9.33 -10.20
N VAL B 149 -25.80 -9.65 -8.98
CA VAL B 149 -24.47 -10.23 -8.82
C VAL B 149 -24.41 -11.57 -9.55
N GLN B 150 -25.46 -12.37 -9.40
CA GLN B 150 -25.49 -13.67 -10.06
C GLN B 150 -25.30 -13.47 -11.56
N ALA B 151 -26.00 -12.49 -12.12
CA ALA B 151 -25.97 -12.26 -13.56
C ALA B 151 -24.69 -11.60 -14.08
N LEU B 152 -24.15 -10.65 -13.33
CA LEU B 152 -23.10 -9.78 -13.86
C LEU B 152 -21.69 -10.02 -13.34
N LEU B 153 -21.58 -10.74 -12.23
CA LEU B 153 -20.27 -11.13 -11.68
C LEU B 153 -19.33 -11.68 -12.78
N PRO B 154 -19.82 -12.64 -13.61
CA PRO B 154 -18.92 -13.16 -14.64
C PRO B 154 -18.51 -12.12 -15.69
N VAL B 155 -19.42 -11.28 -16.18
CA VAL B 155 -19.00 -10.30 -17.17
C VAL B 155 -18.12 -9.20 -16.53
N LEU B 156 -18.44 -8.80 -15.30
CA LEU B 156 -17.63 -7.75 -14.66
C LEU B 156 -16.19 -8.21 -14.40
N CYS B 157 -16.01 -9.49 -14.11
CA CYS B 157 -14.68 -10.04 -13.90
C CYS B 157 -13.95 -10.36 -15.20
N GLN B 158 -14.63 -11.00 -16.14
CA GLN B 158 -13.97 -11.49 -17.35
C GLN B 158 -13.75 -10.39 -18.37
N ALA B 159 -14.80 -9.62 -18.66
CA ALA B 159 -14.74 -8.58 -19.68
C ALA B 159 -14.15 -7.27 -19.15
N HIS B 160 -14.41 -6.95 -17.89
CA HIS B 160 -13.95 -5.67 -17.34
C HIS B 160 -12.84 -5.81 -16.30
N GLY B 161 -12.48 -7.05 -15.95
CA GLY B 161 -11.34 -7.29 -15.09
C GLY B 161 -11.49 -6.90 -13.63
N LEU B 162 -12.73 -6.75 -13.15
CA LEU B 162 -12.93 -6.51 -11.72
C LEU B 162 -12.65 -7.80 -10.95
N THR B 163 -12.23 -7.66 -9.69
CA THR B 163 -12.17 -8.83 -8.82
C THR B 163 -13.57 -9.08 -8.28
N PRO B 164 -13.86 -10.33 -7.85
CA PRO B 164 -15.13 -10.62 -7.17
C PRO B 164 -15.30 -9.72 -5.96
N GLU B 165 -14.23 -9.47 -5.23
CA GLU B 165 -14.29 -8.56 -4.08
C GLU B 165 -14.75 -7.17 -4.48
N GLN B 166 -14.34 -6.71 -5.66
CA GLN B 166 -14.77 -5.38 -6.11
C GLN B 166 -16.26 -5.41 -6.49
N VAL B 167 -16.68 -6.46 -7.19
CA VAL B 167 -18.08 -6.65 -7.50
C VAL B 167 -18.92 -6.70 -6.23
N VAL B 168 -18.46 -7.43 -5.20
CA VAL B 168 -19.16 -7.48 -3.92
C VAL B 168 -19.26 -6.09 -3.27
N ALA B 169 -18.19 -5.33 -3.33
CA ALA B 169 -18.15 -3.99 -2.74
C ALA B 169 -19.21 -3.10 -3.37
N ILE B 170 -19.34 -3.19 -4.70
CA ILE B 170 -20.31 -2.35 -5.41
C ILE B 170 -21.75 -2.80 -5.06
N ALA B 171 -21.99 -4.11 -5.06
CA ALA B 171 -23.31 -4.70 -4.77
C ALA B 171 -23.79 -4.45 -3.34
N SER B 172 -22.86 -4.26 -2.41
CA SER B 172 -23.20 -4.15 -0.99
C SER B 172 -23.56 -2.73 -0.61
N ASN B 173 -24.51 -2.17 -1.35
CA ASN B 173 -25.05 -0.84 -1.10
C ASN B 173 -26.52 -0.87 -1.46
N GLY B 174 -27.31 0.01 -0.84
CA GLY B 174 -28.66 0.22 -1.33
C GLY B 174 -28.57 0.62 -2.80
N GLY B 175 -29.49 0.12 -3.63
CA GLY B 175 -29.43 0.38 -5.07
C GLY B 175 -28.29 -0.39 -5.72
N GLY B 176 -27.83 -1.43 -5.04
CA GLY B 176 -26.72 -2.23 -5.52
C GLY B 176 -26.91 -2.77 -6.94
N LYS B 177 -28.14 -3.15 -7.28
CA LYS B 177 -28.43 -3.60 -8.64
C LYS B 177 -28.12 -2.49 -9.64
N GLN B 178 -28.59 -1.29 -9.35
CA GLN B 178 -28.36 -0.16 -10.24
C GLN B 178 -26.88 0.19 -10.34
N ALA B 179 -26.17 0.09 -9.23
CA ALA B 179 -24.74 0.43 -9.22
C ALA B 179 -23.99 -0.53 -10.12
N LEU B 180 -24.36 -1.82 -10.06
CA LEU B 180 -23.64 -2.84 -10.84
C LEU B 180 -23.91 -2.70 -12.33
N GLU B 181 -25.19 -2.53 -12.70
CA GLU B 181 -25.55 -2.35 -14.09
C GLU B 181 -24.89 -1.11 -14.67
N THR B 182 -24.81 -0.05 -13.88
CA THR B 182 -24.25 1.20 -14.37
C THR B 182 -22.71 1.12 -14.52
N VAL B 183 -22.04 0.41 -13.60
CA VAL B 183 -20.60 0.21 -13.73
C VAL B 183 -20.35 -0.56 -15.02
N GLN B 184 -21.18 -1.57 -15.25
CA GLN B 184 -21.08 -2.41 -16.42
C GLN B 184 -21.25 -1.55 -17.68
N ARG B 185 -22.27 -0.69 -17.68
CA ARG B 185 -22.52 0.17 -18.83
C ARG B 185 -21.47 1.26 -19.04
N LEU B 186 -21.02 1.90 -17.96
CA LEU B 186 -20.22 3.11 -18.10
C LEU B 186 -18.71 2.97 -17.98
N LEU B 187 -18.21 1.80 -17.56
CA LEU B 187 -16.76 1.59 -17.55
C LEU B 187 -16.11 1.98 -18.88
N PRO B 188 -16.66 1.52 -20.03
CA PRO B 188 -15.96 1.89 -21.27
C PRO B 188 -16.04 3.38 -21.58
N VAL B 189 -17.13 4.04 -21.22
CA VAL B 189 -17.26 5.48 -21.44
C VAL B 189 -16.34 6.30 -20.55
N LEU B 190 -16.39 6.01 -19.25
CA LEU B 190 -15.67 6.81 -18.28
C LEU B 190 -14.15 6.60 -18.36
N CYS B 191 -13.74 5.37 -18.65
N CYS B 191 -13.72 5.36 -18.55
CA CYS B 191 -12.33 4.97 -18.60
CA CYS B 191 -12.31 5.07 -18.45
C CYS B 191 -11.63 5.10 -19.96
C CYS B 191 -11.56 5.55 -19.69
N GLN B 192 -11.49 6.34 -20.40
N GLN B 192 -11.81 4.93 -20.83
CA GLN B 192 -10.71 6.70 -21.58
CA GLN B 192 -11.11 5.35 -22.04
C GLN B 192 -9.80 7.85 -21.18
C GLN B 192 -11.56 6.74 -22.53
N ALA B 193 -8.86 8.19 -22.05
N ALA B 193 -12.87 6.96 -22.64
CA ALA B 193 -8.06 9.40 -21.86
CA ALA B 193 -13.37 8.14 -23.34
C ALA B 193 -9.00 10.58 -21.61
C ALA B 193 -13.63 9.36 -22.47
N HIS B 194 -8.58 11.48 -20.73
N HIS B 194 -13.01 9.44 -21.30
CA HIS B 194 -9.41 12.60 -20.22
CA HIS B 194 -13.27 10.57 -20.41
C HIS B 194 -10.44 12.17 -19.17
C HIS B 194 -12.08 11.03 -19.58
N GLY B 195 -10.59 10.86 -18.94
N GLY B 195 -11.74 10.26 -18.55
CA GLY B 195 -11.67 10.34 -18.10
CA GLY B 195 -10.63 10.63 -17.68
C GLY B 195 -11.26 9.90 -16.71
C GLY B 195 -10.77 10.10 -16.27
N LEU B 196 -11.84 8.79 -16.22
N LEU B 196 -11.49 8.98 -16.12
CA LEU B 196 -11.51 8.26 -14.91
CA LEU B 196 -11.51 8.27 -14.84
C LEU B 196 -10.73 6.95 -15.05
C LEU B 196 -10.76 6.96 -15.03
N THR B 197 -10.08 6.52 -13.97
CA THR B 197 -9.46 5.21 -13.95
C THR B 197 -10.53 4.22 -13.48
N PRO B 198 -10.36 2.93 -13.84
CA PRO B 198 -11.27 1.89 -13.35
C PRO B 198 -11.36 1.91 -11.83
N GLN B 199 -10.25 2.24 -11.17
CA GLN B 199 -10.22 2.30 -9.71
C GLN B 199 -11.18 3.37 -9.18
N GLN B 200 -11.21 4.52 -9.87
CA GLN B 200 -12.08 5.63 -9.48
C GLN B 200 -13.55 5.31 -9.72
N VAL B 201 -13.85 4.63 -10.82
CA VAL B 201 -15.22 4.21 -11.10
C VAL B 201 -15.74 3.23 -10.03
N VAL B 202 -14.90 2.26 -9.66
CA VAL B 202 -15.25 1.30 -8.62
C VAL B 202 -15.48 2.04 -7.30
N ALA B 203 -14.58 2.96 -6.98
CA ALA B 203 -14.72 3.74 -5.76
C ALA B 203 -16.07 4.48 -5.72
N ILE B 204 -16.42 5.17 -6.80
CA ILE B 204 -17.70 5.87 -6.84
C ILE B 204 -18.88 4.90 -6.63
N ALA B 205 -18.80 3.72 -7.24
CA ALA B 205 -19.89 2.75 -7.15
C ALA B 205 -19.94 1.96 -5.83
N SER B 206 -18.88 2.04 -5.02
CA SER B 206 -18.76 1.20 -3.83
C SER B 206 -19.23 1.83 -2.52
N ASN B 207 -19.37 3.15 -2.47
CA ASN B 207 -19.58 3.83 -1.19
C ASN B 207 -20.90 4.61 -1.07
N GLY B 208 -21.86 4.28 -1.93
CA GLY B 208 -23.20 4.81 -1.76
C GLY B 208 -23.63 5.74 -2.88
N GLY B 209 -22.67 6.29 -3.63
CA GLY B 209 -22.99 7.23 -4.70
C GLY B 209 -23.75 6.55 -5.82
N GLY B 210 -23.32 5.32 -6.11
CA GLY B 210 -24.02 4.43 -7.02
C GLY B 210 -24.29 4.96 -8.40
N LYS B 211 -25.34 4.44 -9.03
CA LYS B 211 -25.74 4.80 -10.38
C LYS B 211 -25.80 6.31 -10.56
N GLN B 212 -26.44 7.01 -9.63
CA GLN B 212 -26.65 8.45 -9.78
C GLN B 212 -25.31 9.20 -9.82
N ALA B 213 -24.40 8.82 -8.94
CA ALA B 213 -23.08 9.45 -8.93
C ALA B 213 -22.31 9.16 -10.22
N LEU B 214 -22.33 7.91 -10.67
CA LEU B 214 -21.63 7.54 -11.90
C LEU B 214 -22.19 8.29 -13.10
N GLU B 215 -23.51 8.37 -13.21
CA GLU B 215 -24.12 9.06 -14.33
C GLU B 215 -23.87 10.56 -14.29
N THR B 216 -23.82 11.12 -13.07
CA THR B 216 -23.60 12.55 -12.91
C THR B 216 -22.14 12.92 -13.22
N VAL B 217 -21.22 12.03 -12.89
CA VAL B 217 -19.83 12.23 -13.27
C VAL B 217 -19.66 12.14 -14.78
N GLN B 218 -20.32 11.16 -15.41
CA GLN B 218 -20.23 11.05 -16.86
C GLN B 218 -20.68 12.38 -17.49
N ARG B 219 -21.75 12.92 -16.94
CA ARG B 219 -22.34 14.15 -17.44
C ARG B 219 -21.53 15.41 -17.11
N LEU B 220 -21.04 15.50 -15.88
CA LEU B 220 -20.47 16.75 -15.38
C LEU B 220 -18.94 16.83 -15.33
N LEU B 221 -18.25 15.69 -15.42
CA LEU B 221 -16.77 15.70 -15.40
C LEU B 221 -16.15 16.77 -16.30
N PRO B 222 -16.56 16.84 -17.59
CA PRO B 222 -15.90 17.79 -18.49
C PRO B 222 -16.05 19.25 -18.04
N VAL B 223 -17.26 19.67 -17.72
CA VAL B 223 -17.48 21.07 -17.33
C VAL B 223 -16.89 21.39 -15.95
N LEU B 224 -17.00 20.45 -15.02
CA LEU B 224 -16.44 20.65 -13.68
C LEU B 224 -14.93 20.77 -13.74
N CYS B 225 -14.30 19.92 -14.56
CA CYS B 225 -12.84 19.90 -14.66
C CYS B 225 -12.32 21.06 -15.51
N GLN B 226 -13.15 21.57 -16.41
CA GLN B 226 -12.69 22.64 -17.27
C GLN B 226 -13.19 23.99 -16.76
N ALA B 227 -14.41 24.35 -17.14
CA ALA B 227 -14.98 25.65 -16.77
C ALA B 227 -14.89 25.91 -15.26
N HIS B 228 -15.06 24.86 -14.46
CA HIS B 228 -15.06 25.01 -13.01
C HIS B 228 -13.72 24.70 -12.34
N GLY B 229 -12.76 24.21 -13.11
CA GLY B 229 -11.38 24.06 -12.67
C GLY B 229 -11.08 23.01 -11.60
N LEU B 230 -11.97 22.04 -11.40
CA LEU B 230 -11.67 20.98 -10.44
C LEU B 230 -10.76 19.95 -11.07
N THR B 231 -10.03 19.19 -10.25
CA THR B 231 -9.29 18.06 -10.78
C THR B 231 -10.23 16.86 -10.79
N PRO B 232 -9.94 15.86 -11.63
CA PRO B 232 -10.71 14.61 -11.62
C PRO B 232 -10.73 14.01 -10.23
N GLN B 233 -9.62 14.08 -9.51
CA GLN B 233 -9.55 13.57 -8.14
C GLN B 233 -10.59 14.24 -7.24
N GLN B 234 -10.73 15.56 -7.37
CA GLN B 234 -11.74 16.29 -6.61
C GLN B 234 -13.17 15.91 -7.02
N VAL B 235 -13.38 15.75 -8.32
CA VAL B 235 -14.72 15.34 -8.77
C VAL B 235 -15.05 13.96 -8.21
N VAL B 236 -14.08 13.04 -8.26
CA VAL B 236 -14.28 11.68 -7.73
C VAL B 236 -14.54 11.70 -6.22
N ALA B 237 -13.82 12.55 -5.49
CA ALA B 237 -14.01 12.63 -4.05
C ALA B 237 -15.45 13.03 -3.71
N ILE B 238 -15.97 14.05 -4.40
CA ILE B 238 -17.36 14.50 -4.19
C ILE B 238 -18.34 13.39 -4.53
N ALA B 239 -18.07 12.70 -5.64
CA ALA B 239 -18.93 11.62 -6.10
C ALA B 239 -18.93 10.46 -5.10
N SER B 240 -17.53 9.87 -4.43
CA SER B 240 -17.37 8.64 -3.65
C SER B 240 -18.12 8.65 -2.32
N ASN B 241 -19.38 9.09 -2.37
CA ASN B 241 -20.25 9.15 -1.20
C ASN B 241 -21.71 9.09 -1.61
N GLY B 242 -22.57 8.59 -0.71
CA GLY B 242 -23.99 8.54 -0.97
C GLY B 242 -24.52 9.88 -1.46
N GLY B 243 -23.79 10.94 -1.15
CA GLY B 243 -24.18 12.28 -1.57
C GLY B 243 -23.42 12.76 -2.79
N GLY B 244 -23.30 11.88 -3.78
CA GLY B 244 -22.57 12.19 -4.99
C GLY B 244 -23.29 13.13 -5.93
N LYS B 245 -24.25 12.59 -6.67
CA LYS B 245 -24.99 13.37 -7.65
C LYS B 245 -25.40 14.75 -7.11
N GLN B 246 -26.14 14.74 -6.01
CA GLN B 246 -26.63 15.98 -5.41
C GLN B 246 -25.51 16.97 -5.15
N ALA B 247 -24.44 16.50 -4.52
CA ALA B 247 -23.30 17.35 -4.22
C ALA B 247 -22.67 17.89 -5.49
N LEU B 248 -22.52 17.01 -6.49
CA LEU B 248 -21.91 17.39 -7.76
C LEU B 248 -22.67 18.52 -8.43
N GLU B 249 -23.99 18.38 -8.54
CA GLU B 249 -24.81 19.39 -9.18
C GLU B 249 -24.77 20.68 -8.39
N THR B 250 -24.60 20.56 -7.07
CA THR B 250 -24.67 21.74 -6.21
C THR B 250 -23.38 22.54 -6.35
N VAL B 251 -22.28 21.81 -6.51
CA VAL B 251 -20.98 22.43 -6.70
C VAL B 251 -20.91 23.15 -8.05
N GLN B 252 -21.53 22.54 -9.06
CA GLN B 252 -21.61 23.15 -10.37
C GLN B 252 -22.33 24.49 -10.22
N ARG B 253 -23.38 24.51 -9.41
CA ARG B 253 -24.20 25.72 -9.26
C ARG B 253 -23.59 26.76 -8.33
N LEU B 254 -22.95 26.31 -7.25
CA LEU B 254 -22.48 27.24 -6.22
C LEU B 254 -21.00 27.63 -6.32
N LEU B 255 -20.20 26.88 -7.09
CA LEU B 255 -18.81 27.31 -7.32
C LEU B 255 -18.71 28.77 -7.83
N PRO B 256 -19.48 29.13 -8.88
CA PRO B 256 -19.36 30.52 -9.36
C PRO B 256 -19.81 31.55 -8.34
N VAL B 257 -20.62 31.14 -7.36
CA VAL B 257 -21.14 32.06 -6.34
C VAL B 257 -20.23 32.18 -5.11
N LEU B 258 -19.85 31.04 -4.55
CA LEU B 258 -19.08 31.00 -3.32
C LEU B 258 -17.59 31.34 -3.51
N CYS B 259 -17.10 31.17 -4.73
CA CYS B 259 -15.67 31.37 -5.00
C CYS B 259 -15.37 32.71 -5.64
N GLN B 260 -15.90 33.76 -5.04
CA GLN B 260 -15.58 35.09 -5.51
C GLN B 260 -14.49 35.76 -4.67
N ALA B 261 -14.27 37.05 -4.92
CA ALA B 261 -13.13 37.74 -4.32
C ALA B 261 -13.13 37.56 -2.82
N HIS B 262 -12.01 37.07 -2.29
CA HIS B 262 -11.86 36.81 -0.87
C HIS B 262 -12.89 35.87 -0.32
N GLY B 263 -13.73 35.33 -1.20
CA GLY B 263 -14.83 34.48 -0.76
C GLY B 263 -14.74 33.02 -1.14
N LEU B 264 -14.13 32.23 -0.25
CA LEU B 264 -14.08 30.77 -0.41
C LEU B 264 -13.28 30.31 -1.63
N THR B 265 -12.39 29.34 -1.41
CA THR B 265 -11.60 28.74 -2.46
C THR B 265 -12.31 27.49 -2.94
N PRO B 266 -12.00 27.06 -4.17
CA PRO B 266 -12.57 25.80 -4.69
C PRO B 266 -12.25 24.62 -3.79
N GLN B 267 -11.10 24.66 -3.12
N GLN B 267 -11.08 24.64 -3.14
CA GLN B 267 -10.66 23.58 -2.25
CA GLN B 267 -10.68 23.56 -2.24
C GLN B 267 -11.55 23.50 -1.00
C GLN B 267 -11.59 23.49 -1.01
N GLN B 268 -11.97 24.66 -0.50
CA GLN B 268 -12.87 24.73 0.65
C GLN B 268 -14.22 24.20 0.22
N VAL B 269 -14.65 24.62 -0.97
CA VAL B 269 -15.92 24.17 -1.52
C VAL B 269 -15.94 22.65 -1.70
N VAL B 270 -14.88 22.10 -2.31
CA VAL B 270 -14.76 20.65 -2.48
C VAL B 270 -14.80 19.95 -1.11
N ALA B 271 -14.21 20.56 -0.09
CA ALA B 271 -14.12 19.92 1.22
C ALA B 271 -15.50 19.78 1.85
N ILE B 272 -16.32 20.81 1.65
CA ILE B 272 -17.67 20.84 2.16
C ILE B 272 -18.55 19.85 1.37
N ALA B 273 -18.41 19.88 0.05
CA ALA B 273 -19.21 19.01 -0.83
C ALA B 273 -18.91 17.52 -0.70
N SER B 274 -17.69 17.19 -0.28
CA SER B 274 -17.22 15.81 -0.31
C SER B 274 -17.70 14.94 0.85
N ASN B 275 -18.73 15.38 1.57
CA ASN B 275 -19.26 14.58 2.69
C ASN B 275 -20.68 14.19 2.42
N LYS B 276 -21.22 13.28 3.21
CA LYS B 276 -22.64 12.95 3.14
C LYS B 276 -23.41 14.22 3.40
N GLY B 277 -24.46 14.46 2.62
CA GLY B 277 -25.20 15.70 2.71
C GLY B 277 -24.39 16.90 2.24
N GLY B 278 -23.36 16.67 1.42
CA GLY B 278 -22.57 17.75 0.87
C GLY B 278 -23.42 18.85 0.25
N LYS B 279 -24.46 18.46 -0.47
CA LYS B 279 -25.40 19.45 -1.00
C LYS B 279 -25.99 20.31 0.12
N GLN B 280 -26.47 19.66 1.18
CA GLN B 280 -27.10 20.39 2.28
C GLN B 280 -26.11 21.30 2.98
N ALA B 281 -24.90 20.79 3.21
CA ALA B 281 -23.84 21.57 3.84
C ALA B 281 -23.52 22.85 3.05
N LEU B 282 -23.40 22.71 1.73
CA LEU B 282 -23.05 23.84 0.88
C LEU B 282 -24.13 24.90 0.90
N GLU B 283 -25.38 24.48 0.81
CA GLU B 283 -26.48 25.45 0.80
C GLU B 283 -26.62 26.12 2.15
N THR B 284 -26.29 25.41 3.21
CA THR B 284 -26.38 25.98 4.56
C THR B 284 -25.25 27.00 4.78
N VAL B 285 -24.07 26.70 4.25
CA VAL B 285 -22.97 27.66 4.28
C VAL B 285 -23.39 28.94 3.56
N GLN B 286 -23.92 28.79 2.35
CA GLN B 286 -24.37 29.96 1.58
C GLN B 286 -25.39 30.75 2.40
N ARG B 287 -26.28 30.03 3.08
CA ARG B 287 -27.34 30.66 3.85
C ARG B 287 -26.85 31.29 5.15
N LEU B 288 -26.00 30.58 5.90
CA LEU B 288 -25.72 30.98 7.28
C LEU B 288 -24.36 31.63 7.54
N LEU B 289 -23.41 31.53 6.60
CA LEU B 289 -22.08 32.09 6.81
C LEU B 289 -22.08 33.57 7.23
N PRO B 290 -22.79 34.44 6.46
CA PRO B 290 -22.79 35.84 6.91
C PRO B 290 -23.35 36.02 8.31
N VAL B 291 -24.43 35.32 8.64
CA VAL B 291 -25.12 35.54 9.92
C VAL B 291 -24.40 34.90 11.11
N LEU B 292 -23.69 33.81 10.87
CA LEU B 292 -22.88 33.18 11.91
C LEU B 292 -21.71 34.08 12.27
N CYS B 293 -21.18 34.77 11.26
CA CYS B 293 -20.05 35.66 11.49
C CYS B 293 -20.49 36.96 12.20
N GLN B 294 -21.57 37.56 11.72
CA GLN B 294 -22.05 38.82 12.30
C GLN B 294 -22.61 38.62 13.70
N ALA B 295 -23.65 37.79 13.80
CA ALA B 295 -24.38 37.61 15.05
C ALA B 295 -23.54 36.97 16.16
N HIS B 296 -22.82 35.91 15.83
CA HIS B 296 -22.12 35.12 16.84
C HIS B 296 -20.60 35.27 16.81
N GLY B 297 -20.09 36.11 15.91
CA GLY B 297 -18.68 36.42 15.90
C GLY B 297 -17.76 35.32 15.42
N LEU B 298 -18.33 34.30 14.76
CA LEU B 298 -17.48 33.29 14.12
C LEU B 298 -16.78 33.90 12.91
N THR B 299 -15.75 33.22 12.42
CA THR B 299 -15.08 33.62 11.19
C THR B 299 -15.48 32.67 10.06
N PRO B 300 -15.29 33.11 8.80
CA PRO B 300 -15.54 32.22 7.66
C PRO B 300 -14.77 30.90 7.77
N GLN B 301 -13.52 30.91 8.24
CA GLN B 301 -12.78 29.67 8.46
C GLN B 301 -13.48 28.69 9.39
N GLN B 302 -13.99 29.21 10.51
CA GLN B 302 -14.70 28.38 11.47
C GLN B 302 -15.98 27.78 10.88
N VAL B 303 -16.71 28.58 10.11
CA VAL B 303 -17.91 28.11 9.44
C VAL B 303 -17.59 26.97 8.46
N VAL B 304 -16.51 27.13 7.67
CA VAL B 304 -16.08 26.07 6.76
C VAL B 304 -15.71 24.80 7.52
N ALA B 305 -15.06 24.96 8.67
CA ALA B 305 -14.65 23.79 9.46
C ALA B 305 -15.87 23.06 9.99
N ILE B 306 -16.87 23.80 10.42
CA ILE B 306 -18.08 23.16 10.94
C ILE B 306 -18.80 22.42 9.79
N ALA B 307 -18.88 23.08 8.63
CA ALA B 307 -19.57 22.55 7.47
C ALA B 307 -18.87 21.34 6.86
N SER B 308 -17.57 21.22 7.11
CA SER B 308 -16.77 20.18 6.44
C SER B 308 -16.80 18.78 7.08
N ASN B 309 -17.94 18.36 7.62
CA ASN B 309 -18.11 17.00 8.11
C ASN B 309 -19.44 16.46 7.59
N GLY B 310 -19.66 15.16 7.62
CA GLY B 310 -20.97 14.62 7.26
C GLY B 310 -22.04 15.25 8.15
N GLY B 311 -23.22 15.47 7.58
CA GLY B 311 -24.28 16.16 8.31
C GLY B 311 -23.93 17.58 8.70
N GLY B 312 -23.04 18.20 7.92
CA GLY B 312 -22.61 19.57 8.17
C GLY B 312 -23.74 20.57 8.33
N LYS B 313 -24.82 20.39 7.56
CA LYS B 313 -26.00 21.23 7.76
C LYS B 313 -26.52 21.17 9.20
N GLN B 314 -26.58 19.96 9.75
CA GLN B 314 -27.07 19.79 11.12
C GLN B 314 -26.18 20.49 12.13
N ALA B 315 -24.86 20.35 11.95
CA ALA B 315 -23.91 20.99 12.87
C ALA B 315 -24.03 22.50 12.80
N LEU B 316 -24.16 23.03 11.57
CA LEU B 316 -24.25 24.48 11.38
C LEU B 316 -25.53 25.05 11.99
N GLU B 317 -26.66 24.39 11.71
CA GLU B 317 -27.94 24.89 12.22
C GLU B 317 -27.99 24.80 13.74
N THR B 318 -27.28 23.80 14.30
CA THR B 318 -27.26 23.62 15.75
C THR B 318 -26.33 24.64 16.42
N VAL B 319 -25.22 24.98 15.76
CA VAL B 319 -24.37 26.06 16.26
C VAL B 319 -25.16 27.36 16.29
N GLN B 320 -25.90 27.62 15.21
CA GLN B 320 -26.66 28.86 15.13
C GLN B 320 -27.62 28.95 16.30
N ARG B 321 -28.19 27.80 16.65
CA ARG B 321 -29.20 27.69 17.69
C ARG B 321 -28.63 27.70 19.11
N LEU B 322 -27.56 26.94 19.34
CA LEU B 322 -27.10 26.67 20.70
C LEU B 322 -25.89 27.47 21.14
N LEU B 323 -25.19 28.10 20.20
CA LEU B 323 -24.02 28.89 20.56
C LEU B 323 -24.32 29.90 21.68
N PRO B 324 -25.38 30.74 21.53
CA PRO B 324 -25.64 31.70 22.61
C PRO B 324 -25.91 31.02 23.95
N VAL B 325 -26.76 30.00 23.94
CA VAL B 325 -27.07 29.23 25.15
C VAL B 325 -25.83 28.64 25.82
N LEU B 326 -24.92 28.06 25.03
CA LEU B 326 -23.72 27.42 25.55
C LEU B 326 -22.70 28.44 26.08
N CYS B 327 -22.63 29.60 25.44
CA CYS B 327 -21.70 30.62 25.88
C CYS B 327 -22.27 31.40 27.07
N GLN B 328 -23.56 31.69 27.02
CA GLN B 328 -24.22 32.45 28.08
C GLN B 328 -24.50 31.58 29.30
N ALA B 329 -25.41 30.63 29.15
CA ALA B 329 -25.79 29.75 30.28
C ALA B 329 -24.64 28.86 30.82
N HIS B 330 -23.79 28.33 29.93
CA HIS B 330 -22.81 27.32 30.35
C HIS B 330 -21.33 27.77 30.39
N GLY B 331 -21.07 29.02 30.03
CA GLY B 331 -19.74 29.57 30.18
C GLY B 331 -18.75 29.21 29.08
N LEU B 332 -19.18 28.39 28.13
CA LEU B 332 -18.31 28.01 27.01
C LEU B 332 -17.90 29.22 26.16
N THR B 333 -16.75 29.11 25.49
CA THR B 333 -16.35 30.08 24.47
C THR B 333 -16.81 29.61 23.09
N PRO B 334 -17.02 30.55 22.16
CA PRO B 334 -17.35 30.20 20.77
C PRO B 334 -16.35 29.22 20.17
N GLN B 335 -15.06 29.43 20.42
CA GLN B 335 -14.03 28.53 19.90
C GLN B 335 -14.26 27.09 20.38
N GLN B 336 -14.68 26.95 21.63
CA GLN B 336 -15.02 25.64 22.16
C GLN B 336 -16.27 25.07 21.47
N VAL B 337 -17.25 25.94 21.23
CA VAL B 337 -18.48 25.50 20.59
C VAL B 337 -18.17 25.04 19.16
N VAL B 338 -17.28 25.78 18.48
CA VAL B 338 -16.82 25.39 17.15
C VAL B 338 -16.11 24.04 17.19
N ALA B 339 -15.24 23.85 18.16
CA ALA B 339 -14.49 22.60 18.29
C ALA B 339 -15.40 21.39 18.49
N ILE B 340 -16.44 21.54 19.31
CA ILE B 340 -17.41 20.46 19.51
C ILE B 340 -18.17 20.19 18.21
N ALA B 341 -18.51 21.26 17.50
CA ALA B 341 -19.33 21.19 16.30
C ALA B 341 -18.60 20.58 15.10
N SER B 342 -17.27 20.67 15.09
CA SER B 342 -16.50 20.35 13.90
C SER B 342 -16.12 18.87 13.77
N HIS B 343 -17.11 17.99 13.93
CA HIS B 343 -16.94 16.56 13.73
C HIS B 343 -18.25 15.99 13.21
N ASP B 344 -18.20 14.82 12.58
CA ASP B 344 -19.45 14.14 12.24
C ASP B 344 -20.27 14.01 13.52
N GLY B 345 -21.59 14.16 13.43
CA GLY B 345 -22.42 14.11 14.62
C GLY B 345 -22.29 15.35 15.49
N GLY B 346 -21.75 16.42 14.93
CA GLY B 346 -21.58 17.65 15.68
C GLY B 346 -22.85 18.13 16.37
N LYS B 347 -23.99 18.04 15.68
CA LYS B 347 -25.26 18.37 16.31
C LYS B 347 -25.48 17.56 17.57
N GLN B 348 -25.25 16.24 17.48
CA GLN B 348 -25.47 15.35 18.62
C GLN B 348 -24.56 15.71 19.78
N ALA B 349 -23.31 15.99 19.47
CA ALA B 349 -22.33 16.37 20.48
C ALA B 349 -22.73 17.67 21.18
N LEU B 350 -23.16 18.67 20.40
CA LEU B 350 -23.61 19.94 20.98
C LEU B 350 -24.82 19.79 21.91
N GLU B 351 -25.81 19.03 21.47
CA GLU B 351 -27.02 18.84 22.25
C GLU B 351 -26.73 18.01 23.48
N THR B 352 -25.80 17.07 23.37
CA THR B 352 -25.39 16.28 24.53
C THR B 352 -24.57 17.12 25.53
N VAL B 353 -23.77 18.05 25.04
CA VAL B 353 -23.02 18.95 25.94
C VAL B 353 -24.00 19.87 26.68
N GLN B 354 -24.95 20.43 25.95
CA GLN B 354 -25.97 21.25 26.59
C GLN B 354 -26.67 20.50 27.72
N ARG B 355 -27.03 19.25 27.44
CA ARG B 355 -27.76 18.41 28.40
C ARG B 355 -26.91 17.91 29.58
N LEU B 356 -25.69 17.46 29.30
CA LEU B 356 -24.88 16.72 30.28
C LEU B 356 -23.86 17.55 31.04
N LEU B 357 -23.54 18.74 30.53
CA LEU B 357 -22.51 19.58 31.15
C LEU B 357 -22.66 19.84 32.67
N PRO B 358 -23.86 20.28 33.13
CA PRO B 358 -24.00 20.54 34.57
C PRO B 358 -23.83 19.25 35.36
N VAL B 359 -24.51 18.20 34.91
CA VAL B 359 -24.43 16.86 35.50
C VAL B 359 -23.00 16.35 35.71
N LEU B 360 -22.20 16.34 34.65
CA LEU B 360 -20.82 15.86 34.73
C LEU B 360 -19.95 16.80 35.56
N CYS B 361 -20.25 18.09 35.52
CA CYS B 361 -19.42 19.07 36.21
C CYS B 361 -19.74 19.18 37.69
N GLN B 362 -21.03 19.24 38.02
CA GLN B 362 -21.48 19.28 39.41
C GLN B 362 -21.25 17.94 40.09
N ALA B 363 -21.82 16.88 39.52
CA ALA B 363 -21.90 15.57 40.18
C ALA B 363 -20.72 14.62 39.97
N HIS B 364 -19.85 14.89 39.01
CA HIS B 364 -18.69 14.02 38.80
C HIS B 364 -17.36 14.75 38.99
N GLY B 365 -17.41 16.06 39.14
CA GLY B 365 -16.23 16.86 39.41
C GLY B 365 -15.40 17.18 38.18
N LEU B 366 -15.94 16.88 37.00
CA LEU B 366 -15.23 17.19 35.76
C LEU B 366 -15.30 18.68 35.49
N THR B 367 -14.29 19.21 34.79
CA THR B 367 -14.25 20.60 34.38
C THR B 367 -14.91 20.74 33.01
N PRO B 368 -15.45 21.93 32.69
CA PRO B 368 -15.99 22.13 31.35
C PRO B 368 -14.94 21.88 30.26
N GLU B 369 -13.66 22.10 30.58
CA GLU B 369 -12.58 21.84 29.63
C GLU B 369 -12.56 20.35 29.29
N GLN B 370 -12.70 19.53 30.32
CA GLN B 370 -12.73 18.08 30.14
C GLN B 370 -13.98 17.66 29.38
N VAL B 371 -15.13 18.23 29.74
CA VAL B 371 -16.35 17.89 29.02
C VAL B 371 -16.23 18.25 27.53
N VAL B 372 -15.65 19.41 27.25
CA VAL B 372 -15.42 19.85 25.86
C VAL B 372 -14.45 18.91 25.13
N ALA B 373 -13.37 18.51 25.80
CA ALA B 373 -12.39 17.63 25.18
C ALA B 373 -13.02 16.29 24.80
N ILE B 374 -13.86 15.76 25.68
CA ILE B 374 -14.57 14.51 25.40
C ILE B 374 -15.52 14.67 24.20
N ALA B 375 -16.22 15.81 24.16
CA ALA B 375 -17.24 16.05 23.14
C ALA B 375 -16.63 16.34 21.77
N SER B 376 -15.40 16.85 21.76
CA SER B 376 -14.76 17.28 20.53
C SER B 376 -14.11 16.16 19.73
N ASN B 377 -14.84 15.06 19.52
CA ASN B 377 -14.41 13.97 18.65
C ASN B 377 -15.64 13.41 17.95
N GLY B 378 -15.44 12.62 16.89
CA GLY B 378 -16.54 11.90 16.29
C GLY B 378 -17.19 11.00 17.32
N GLY B 379 -18.51 11.00 17.37
CA GLY B 379 -19.22 10.19 18.34
C GLY B 379 -19.13 10.79 19.73
N GLY B 380 -18.91 12.10 19.80
CA GLY B 380 -18.79 12.78 21.07
C GLY B 380 -19.97 12.53 22.01
N LYS B 381 -21.17 12.39 21.44
CA LYS B 381 -22.36 12.11 22.24
C LYS B 381 -22.24 10.76 22.96
N GLN B 382 -21.83 9.74 22.20
CA GLN B 382 -21.60 8.41 22.75
C GLN B 382 -20.57 8.47 23.86
N ALA B 383 -19.49 9.21 23.61
CA ALA B 383 -18.40 9.29 24.57
C ALA B 383 -18.84 9.95 25.89
N LEU B 384 -19.57 11.06 25.78
CA LEU B 384 -20.07 11.77 26.97
C LEU B 384 -21.04 10.92 27.78
N GLU B 385 -21.96 10.24 27.09
CA GLU B 385 -22.93 9.39 27.79
C GLU B 385 -22.28 8.18 28.46
N THR B 386 -21.19 7.71 27.86
CA THR B 386 -20.50 6.54 28.39
C THR B 386 -19.68 6.95 29.60
N VAL B 387 -19.15 8.17 29.57
CA VAL B 387 -18.42 8.72 30.73
C VAL B 387 -19.40 8.88 31.90
N GLN B 388 -20.56 9.48 31.63
CA GLN B 388 -21.59 9.62 32.67
C GLN B 388 -21.90 8.29 33.33
N ARG B 389 -21.98 7.25 32.53
CA ARG B 389 -22.36 5.93 33.03
C ARG B 389 -21.23 5.21 33.75
N LEU B 390 -20.03 5.31 33.20
CA LEU B 390 -18.93 4.44 33.63
C LEU B 390 -17.87 5.09 34.53
N LEU B 391 -17.88 6.42 34.63
CA LEU B 391 -16.89 7.14 35.46
C LEU B 391 -16.84 6.58 36.90
N PRO B 392 -18.00 6.45 37.57
CA PRO B 392 -17.92 5.87 38.92
C PRO B 392 -17.35 4.43 38.98
N VAL B 393 -17.82 3.49 38.17
CA VAL B 393 -17.30 2.12 38.30
C VAL B 393 -15.83 2.02 37.89
N LEU B 394 -15.43 2.82 36.90
CA LEU B 394 -14.04 2.84 36.47
C LEU B 394 -13.17 3.38 37.59
N CYS B 395 -13.68 4.40 38.27
CA CYS B 395 -12.93 5.02 39.37
C CYS B 395 -13.03 4.15 40.63
N GLN B 396 -14.26 3.81 41.02
CA GLN B 396 -14.50 3.07 42.26
C GLN B 396 -13.88 1.66 42.25
N ALA B 397 -14.08 0.91 41.16
CA ALA B 397 -13.80 -0.52 41.19
C ALA B 397 -12.51 -0.87 40.51
N HIS B 398 -12.13 -0.07 39.53
CA HIS B 398 -10.93 -0.35 38.76
C HIS B 398 -9.82 0.62 39.13
N GLY B 399 -10.13 1.58 39.99
CA GLY B 399 -9.12 2.45 40.58
C GLY B 399 -8.59 3.56 39.68
N LEU B 400 -9.28 3.83 38.58
CA LEU B 400 -8.82 4.87 37.66
C LEU B 400 -9.10 6.24 38.26
N THR B 401 -8.34 7.23 37.83
CA THR B 401 -8.63 8.61 38.18
C THR B 401 -9.55 9.20 37.10
N PRO B 402 -10.29 10.26 37.44
CA PRO B 402 -11.12 10.94 36.43
C PRO B 402 -10.29 11.41 35.22
N GLU B 403 -9.06 11.86 35.46
CA GLU B 403 -8.20 12.30 34.38
C GLU B 403 -7.91 11.16 33.40
N GLN B 404 -7.70 9.96 33.95
CA GLN B 404 -7.49 8.78 33.12
C GLN B 404 -8.76 8.42 32.34
N VAL B 405 -9.92 8.51 32.99
CA VAL B 405 -11.19 8.18 32.32
C VAL B 405 -11.40 9.15 31.16
N VAL B 406 -11.18 10.44 31.44
CA VAL B 406 -11.33 11.48 30.42
C VAL B 406 -10.36 11.25 29.26
N ALA B 407 -9.14 10.82 29.59
CA ALA B 407 -8.13 10.55 28.55
C ALA B 407 -8.62 9.45 27.64
N ILE B 408 -9.16 8.39 28.23
CA ILE B 408 -9.68 7.27 27.46
C ILE B 408 -10.81 7.72 26.52
N ALA B 409 -11.68 8.58 27.04
CA ALA B 409 -12.90 8.96 26.32
C ALA B 409 -12.69 10.02 25.23
N SER B 410 -11.53 10.68 25.25
CA SER B 410 -11.30 11.85 24.40
C SER B 410 -10.68 11.57 23.03
N HIS B 411 -11.20 10.56 22.35
CA HIS B 411 -10.77 10.25 20.98
C HIS B 411 -11.99 9.69 20.28
N ASP B 412 -11.95 9.60 18.94
CA ASP B 412 -12.99 8.87 18.21
C ASP B 412 -13.19 7.48 18.79
N GLY B 413 -14.45 7.11 19.02
CA GLY B 413 -14.79 5.81 19.55
C GLY B 413 -14.50 5.69 21.04
N GLY B 414 -14.44 6.82 21.74
CA GLY B 414 -14.22 6.83 23.18
C GLY B 414 -15.15 5.89 23.96
N LYS B 415 -16.40 5.79 23.51
CA LYS B 415 -17.35 4.88 24.15
C LYS B 415 -16.85 3.44 24.10
N GLN B 416 -16.36 3.02 22.94
CA GLN B 416 -15.83 1.66 22.81
C GLN B 416 -14.60 1.45 23.67
N ALA B 417 -13.69 2.42 23.67
CA ALA B 417 -12.46 2.30 24.45
C ALA B 417 -12.78 2.14 25.95
N LEU B 418 -13.64 3.01 26.47
CA LEU B 418 -14.09 2.93 27.88
C LEU B 418 -14.71 1.58 28.26
N GLU B 419 -15.61 1.09 27.41
CA GLU B 419 -16.29 -0.17 27.72
C GLU B 419 -15.31 -1.32 27.63
N THR B 420 -14.30 -1.17 26.79
CA THR B 420 -13.30 -2.22 26.62
C THR B 420 -12.34 -2.21 27.80
N VAL B 421 -11.97 -1.02 28.27
CA VAL B 421 -11.16 -0.88 29.47
C VAL B 421 -11.84 -1.55 30.66
N GLN B 422 -13.14 -1.33 30.80
CA GLN B 422 -13.92 -1.97 31.87
C GLN B 422 -13.86 -3.50 31.77
N ARG B 423 -13.98 -4.02 30.54
CA ARG B 423 -13.90 -5.46 30.30
C ARG B 423 -12.53 -6.04 30.64
N LEU B 424 -11.47 -5.39 30.15
CA LEU B 424 -10.18 -6.06 30.01
C LEU B 424 -9.10 -5.62 31.00
N LEU B 425 -9.34 -4.51 31.70
CA LEU B 425 -8.38 -4.04 32.70
C LEU B 425 -7.98 -5.15 33.70
N PRO B 426 -8.98 -5.86 34.30
CA PRO B 426 -8.56 -6.83 35.30
C PRO B 426 -7.69 -7.96 34.73
N VAL B 427 -8.07 -8.54 33.60
CA VAL B 427 -7.25 -9.61 33.02
C VAL B 427 -5.87 -9.11 32.57
N LEU B 428 -5.84 -7.91 31.99
CA LEU B 428 -4.56 -7.35 31.53
C LEU B 428 -3.59 -7.10 32.70
N CYS B 429 -4.14 -6.63 33.82
CA CYS B 429 -3.33 -6.36 35.00
C CYS B 429 -3.05 -7.60 35.84
N GLN B 430 -4.10 -8.32 36.21
CA GLN B 430 -3.97 -9.43 37.14
C GLN B 430 -3.31 -10.66 36.53
N ALA B 431 -3.57 -10.92 35.26
CA ALA B 431 -3.06 -12.13 34.62
C ALA B 431 -1.84 -11.90 33.74
N HIS B 432 -1.53 -10.65 33.44
CA HIS B 432 -0.39 -10.37 32.56
C HIS B 432 0.54 -9.28 33.09
N GLY B 433 0.22 -8.74 34.26
CA GLY B 433 1.14 -7.85 34.95
C GLY B 433 1.24 -6.45 34.36
N LEU B 434 0.32 -6.10 33.46
CA LEU B 434 0.24 -4.71 33.01
C LEU B 434 -0.17 -3.82 34.17
N THR B 435 0.09 -2.53 34.04
CA THR B 435 -0.40 -1.56 35.01
C THR B 435 -1.63 -0.88 34.42
N PRO B 436 -2.50 -0.36 35.29
CA PRO B 436 -3.59 0.50 34.80
C PRO B 436 -3.03 1.65 33.95
N GLN B 437 -1.90 2.23 34.33
CA GLN B 437 -1.22 3.25 33.52
C GLN B 437 -0.99 2.80 32.08
N GLN B 438 -0.55 1.55 31.91
CA GLN B 438 -0.27 0.99 30.59
C GLN B 438 -1.55 0.73 29.79
N VAL B 439 -2.55 0.17 30.45
CA VAL B 439 -3.84 -0.09 29.81
C VAL B 439 -4.49 1.21 29.35
N VAL B 440 -4.48 2.22 30.23
CA VAL B 440 -4.95 3.56 29.88
C VAL B 440 -4.19 4.14 28.69
N ALA B 441 -2.87 3.98 28.66
CA ALA B 441 -2.07 4.49 27.55
C ALA B 441 -2.47 3.83 26.22
N ILE B 442 -2.63 2.51 26.23
CA ILE B 442 -3.09 1.81 25.03
C ILE B 442 -4.49 2.30 24.60
N ALA B 443 -5.38 2.46 25.57
CA ALA B 443 -6.77 2.81 25.29
C ALA B 443 -6.94 4.26 24.82
N SER B 444 -5.98 5.11 25.16
CA SER B 444 -6.11 6.55 24.93
C SER B 444 -5.69 6.98 23.53
N ASN B 445 -6.26 6.33 22.53
CA ASN B 445 -6.02 6.64 21.12
C ASN B 445 -7.27 6.22 20.35
N GLY B 446 -7.48 6.77 19.16
CA GLY B 446 -8.48 6.20 18.26
C GLY B 446 -8.13 4.72 18.08
N GLY B 447 -9.15 3.87 17.96
CA GLY B 447 -8.92 2.45 17.86
C GLY B 447 -8.48 1.84 19.17
N GLY B 448 -8.82 2.50 20.28
CA GLY B 448 -8.44 2.00 21.59
C GLY B 448 -8.99 0.61 21.84
N ARG B 449 -10.25 0.38 21.49
CA ARG B 449 -10.84 -0.94 21.73
C ARG B 449 -10.10 -2.09 21.03
N PRO B 450 -9.89 -1.98 19.71
CA PRO B 450 -9.23 -3.14 19.10
C PRO B 450 -7.74 -3.19 19.42
N ALA B 451 -7.14 -2.08 19.84
CA ALA B 451 -5.76 -2.12 20.31
C ALA B 451 -5.72 -3.01 21.56
N LEU B 452 -6.62 -2.74 22.51
CA LEU B 452 -6.72 -3.54 23.73
C LEU B 452 -7.04 -5.01 23.45
N GLU B 453 -7.99 -5.25 22.56
CA GLU B 453 -8.37 -6.62 22.21
C GLU B 453 -7.22 -7.37 21.55
N SER B 454 -6.50 -6.69 20.65
CA SER B 454 -5.36 -7.30 19.99
C SER B 454 -4.25 -7.65 20.98
N ILE B 455 -4.04 -6.82 21.99
CA ILE B 455 -2.97 -7.12 22.95
C ILE B 455 -3.37 -8.18 23.98
N VAL B 456 -4.64 -8.20 24.37
CA VAL B 456 -5.11 -9.26 25.27
C VAL B 456 -5.14 -10.61 24.53
N ALA B 457 -5.30 -10.55 23.21
CA ALA B 457 -5.28 -11.76 22.37
C ALA B 457 -3.89 -12.38 22.38
N GLN B 458 -2.87 -11.55 22.26
CA GLN B 458 -1.48 -11.99 22.32
C GLN B 458 -1.14 -12.61 23.66
N LEU B 459 -1.25 -11.80 24.70
CA LEU B 459 -0.88 -12.19 26.05
C LEU B 459 -1.55 -13.49 26.53
N SER B 460 -2.71 -13.81 25.98
CA SER B 460 -3.43 -15.03 26.36
C SER B 460 -3.19 -16.22 25.41
N ARG B 461 -2.68 -15.93 24.21
CA ARG B 461 -2.36 -16.97 23.22
C ARG B 461 -1.32 -16.46 22.23
N PRO B 462 -0.03 -16.52 22.61
CA PRO B 462 1.09 -15.75 22.08
C PRO B 462 1.97 -16.41 21.02
N ASP B 463 2.46 -15.59 20.09
CA ASP B 463 3.33 -16.04 19.01
C ASP B 463 4.32 -14.93 18.60
N ALA B 468 8.64 -13.76 19.53
CA ALA B 468 8.27 -13.02 20.72
C ALA B 468 9.13 -11.78 20.94
N LEU B 469 8.47 -10.63 20.91
CA LEU B 469 9.07 -9.37 21.35
C LEU B 469 8.70 -9.29 22.83
N THR B 470 9.33 -8.38 23.58
CA THR B 470 8.98 -8.24 24.99
C THR B 470 7.55 -7.75 25.15
N ASN B 471 6.95 -7.99 26.32
CA ASN B 471 5.64 -7.44 26.61
C ASN B 471 5.63 -5.92 26.53
N ASP B 472 6.64 -5.29 27.15
CA ASP B 472 6.75 -3.83 27.13
C ASP B 472 6.85 -3.31 25.69
N HIS B 473 7.46 -4.10 24.81
CA HIS B 473 7.54 -3.75 23.40
C HIS B 473 6.15 -3.82 22.75
N LEU B 474 5.40 -4.88 23.07
CA LEU B 474 4.05 -5.04 22.52
C LEU B 474 3.16 -3.86 22.91
N VAL B 475 3.27 -3.47 24.19
CA VAL B 475 2.49 -2.35 24.71
C VAL B 475 2.87 -1.07 23.97
N ALA B 476 4.16 -0.84 23.78
CA ALA B 476 4.61 0.35 23.08
C ALA B 476 4.08 0.35 21.63
N LEU B 477 4.09 -0.82 21.00
CA LEU B 477 3.56 -0.97 19.64
C LEU B 477 2.06 -0.70 19.61
N ALA B 478 1.35 -1.24 20.59
CA ALA B 478 -0.09 -1.03 20.69
C ALA B 478 -0.44 0.45 20.88
N CYS B 479 0.36 1.16 21.68
CA CYS B 479 0.16 2.60 21.86
C CYS B 479 0.47 3.35 20.58
N LEU B 480 1.52 2.94 19.89
CA LEU B 480 1.98 3.65 18.70
C LEU B 480 0.99 3.53 17.53
N GLY B 481 0.51 2.31 17.29
CA GLY B 481 -0.36 2.08 16.15
C GLY B 481 -1.45 1.03 16.31
N GLY B 482 -1.84 0.78 17.56
CA GLY B 482 -2.93 -0.15 17.87
C GLY B 482 -2.92 -1.52 17.22
N ARG B 483 -4.11 -2.07 16.99
CA ARG B 483 -4.24 -3.37 16.33
C ARG B 483 -3.42 -3.51 15.04
N PRO B 484 -3.46 -2.49 14.15
CA PRO B 484 -2.68 -2.65 12.91
C PRO B 484 -1.17 -2.78 13.15
N ALA B 485 -0.66 -2.14 14.20
CA ALA B 485 0.74 -2.30 14.57
C ALA B 485 1.04 -3.74 14.97
N LEU B 486 0.23 -4.29 15.88
CA LEU B 486 0.42 -5.65 16.33
C LEU B 486 0.30 -6.69 15.21
N ASP B 487 -0.66 -6.49 14.31
CA ASP B 487 -0.86 -7.43 13.20
C ASP B 487 0.33 -7.37 12.23
N ALA B 488 0.83 -6.17 11.97
CA ALA B 488 1.93 -5.99 11.03
C ALA B 488 3.24 -6.62 11.51
N VAL B 489 3.51 -6.52 12.80
CA VAL B 489 4.71 -7.09 13.38
C VAL B 489 4.60 -8.62 13.46
N LYS B 490 3.38 -9.09 13.71
CA LYS B 490 3.12 -10.52 13.87
C LYS B 490 3.50 -11.34 12.62
N LYS B 491 3.24 -10.80 11.44
CA LYS B 491 3.58 -11.50 10.20
C LYS B 491 5.09 -11.59 9.96
N LEU B 492 5.81 -10.51 10.27
CA LEU B 492 7.24 -10.39 10.00
C LEU B 492 8.09 -11.57 10.50
#